data_6Y9K
#
_entry.id   6Y9K
#
_cell.length_a   78.173
_cell.length_b   78.180
_cell.length_c   112.664
_cell.angle_alpha   90.000
_cell.angle_beta   100.680
_cell.angle_gamma   90.000
#
_symmetry.space_group_name_H-M   'P 1 21 1'
#
loop_
_entity.id
_entity.type
_entity.pdbx_description
1 polymer 'Esterase Est8'
2 water water
#
_entity_poly.entity_id   1
_entity_poly.type   'polypeptide(L)'
_entity_poly.pdbx_seq_one_letter_code
;MASPQLQMALDGFKMMGEKMAQAGGDVKAMRAVMEEMATFPSAGETKCTPVNAGGVPAEWIAAPGAADDRVILYLHGGGY
VMGSITTHRETIARLSKASGARALALDYRLAPEYPFPAAVDDATAAYRWLLSQDIKPSRIVVAGDSAGGGLVLATLVALR
DAKVPLPAAGVCISPWADMEGTGASMTTRAKADPVVQKEMLVNMGKTYLGGKDAKSPLAAPLHADFRGLPPLFIQVGDAE
TLLDDSTRVAEKAKMAGVKVDLEIWPEMPHVWHLFAPFLPEGQQAIDKIGQYVKQRTAHHHHHH
;
_entity_poly.pdbx_strand_id   AAA,BBB,CCC,DDD
#
# COMPACT_ATOMS: atom_id res chain seq x y z
N ALA A 2 16.10 4.63 -5.80
CA ALA A 2 15.80 3.81 -7.02
C ALA A 2 14.29 3.49 -7.05
N SER A 3 13.82 2.68 -6.08
CA SER A 3 12.39 2.67 -5.66
C SER A 3 12.11 1.93 -4.34
N PRO A 4 12.63 0.71 -4.04
CA PRO A 4 12.48 0.16 -2.69
C PRO A 4 13.27 1.10 -1.76
N GLN A 5 14.30 1.74 -2.34
CA GLN A 5 15.06 2.85 -1.71
C GLN A 5 14.16 4.09 -1.62
N LEU A 6 13.64 4.58 -2.75
CA LEU A 6 12.68 5.72 -2.73
C LEU A 6 11.53 5.45 -1.74
N GLN A 7 11.01 4.22 -1.74
CA GLN A 7 9.83 3.87 -0.91
C GLN A 7 10.27 3.83 0.56
N MET A 8 11.52 3.48 0.90
CA MET A 8 12.04 3.61 2.30
C MET A 8 12.02 5.10 2.69
N ALA A 9 12.58 5.95 1.85
CA ALA A 9 12.68 7.41 2.10
C ALA A 9 11.26 8.01 2.23
N LEU A 10 10.31 7.61 1.38
CA LEU A 10 8.92 8.14 1.44
C LEU A 10 8.28 7.74 2.77
N ASP A 11 8.41 6.50 3.22
CA ASP A 11 7.83 6.08 4.53
C ASP A 11 8.63 6.79 5.63
N GLY A 12 9.92 7.03 5.40
CA GLY A 12 10.80 7.85 6.27
C GLY A 12 10.17 9.19 6.61
N PHE A 13 9.93 10.03 5.60
CA PHE A 13 9.24 11.33 5.72
C PHE A 13 7.81 11.13 6.26
N LYS A 14 7.07 10.14 5.74
CA LYS A 14 5.66 9.88 6.13
C LYS A 14 5.57 9.76 7.65
N MET A 15 6.56 9.10 8.27
CA MET A 15 6.68 8.94 9.76
C MET A 15 7.16 10.25 10.38
N MET A 16 8.20 10.89 9.81
CA MET A 16 8.68 12.21 10.31
C MET A 16 7.47 13.14 10.31
N GLY A 17 6.70 13.10 9.21
CA GLY A 17 5.52 13.93 8.95
C GLY A 17 4.46 13.75 10.01
N GLU A 18 4.31 12.54 10.53
CA GLU A 18 3.21 12.17 11.46
C GLU A 18 3.63 12.43 12.91
N LYS A 19 4.89 12.21 13.29
CA LYS A 19 5.44 12.67 14.61
C LYS A 19 5.42 14.20 14.72
N MET A 20 5.53 14.89 13.58
CA MET A 20 5.47 16.37 13.44
C MET A 20 4.11 16.86 13.96
N ALA A 21 3.04 16.37 13.35
CA ALA A 21 1.63 16.61 13.72
C ALA A 21 1.47 16.41 15.25
N GLN A 22 2.01 15.30 15.79
CA GLN A 22 1.88 14.85 17.21
C GLN A 22 2.57 15.80 18.18
N ALA A 23 3.58 16.54 17.74
CA ALA A 23 4.29 17.54 18.57
C ALA A 23 3.35 18.74 18.80
N GLY A 24 2.32 18.87 17.95
CA GLY A 24 1.41 20.01 17.94
C GLY A 24 2.18 21.30 17.70
N GLY A 25 1.84 22.35 18.43
CA GLY A 25 2.54 23.65 18.36
C GLY A 25 3.84 23.67 19.14
N ASP A 26 4.08 22.66 20.00
CA ASP A 26 5.23 22.58 20.94
C ASP A 26 6.54 22.52 20.15
N VAL A 27 7.43 23.50 20.32
CA VAL A 27 8.59 23.74 19.43
C VAL A 27 9.81 22.90 19.88
N LYS A 28 9.94 22.60 21.18
CA LYS A 28 10.98 21.69 21.75
C LYS A 28 10.85 20.29 21.14
N ALA A 29 9.61 19.76 21.14
CA ALA A 29 9.17 18.47 20.55
C ALA A 29 9.56 18.43 19.07
N MET A 30 8.98 19.35 18.28
CA MET A 30 9.26 19.54 16.83
C MET A 30 10.78 19.43 16.60
N ARG A 31 11.58 20.17 17.36
CA ARG A 31 13.06 20.16 17.22
C ARG A 31 13.58 18.75 17.44
N ALA A 32 13.10 18.05 18.48
CA ALA A 32 13.47 16.64 18.79
C ALA A 32 13.09 15.67 17.64
N VAL A 33 11.92 15.82 17.01
CA VAL A 33 11.50 14.92 15.88
C VAL A 33 12.60 14.91 14.83
N MET A 34 13.10 16.09 14.46
CA MET A 34 14.09 16.28 13.37
C MET A 34 15.46 15.77 13.83
N GLU A 35 15.84 16.02 15.09
CA GLU A 35 17.18 15.70 15.68
C GLU A 35 17.38 14.19 15.84
N GLU A 36 16.27 13.46 15.97
CA GLU A 36 16.19 11.99 16.19
C GLU A 36 16.49 11.27 14.87
N MET A 37 16.06 11.83 13.72
CA MET A 37 16.35 11.29 12.36
C MET A 37 17.83 11.50 11.98
N ALA A 38 18.49 12.48 12.57
CA ALA A 38 19.87 12.87 12.21
C ALA A 38 20.85 11.76 12.60
N THR A 39 21.60 11.25 11.62
CA THR A 39 22.87 10.53 11.89
C THR A 39 23.98 11.19 11.07
N PHE A 40 25.22 10.77 11.34
CA PHE A 40 26.45 11.35 10.79
C PHE A 40 27.44 10.22 10.52
N PRO A 41 27.09 9.27 9.62
CA PRO A 41 27.96 8.16 9.30
C PRO A 41 29.31 8.61 8.72
N SER A 42 29.40 9.82 8.17
CA SER A 42 30.66 10.33 7.56
C SER A 42 31.60 10.89 8.63
N ALA A 43 31.18 10.92 9.90
CA ALA A 43 31.87 11.68 10.98
C ALA A 43 33.34 11.27 10.99
N GLY A 44 33.60 9.96 10.96
CA GLY A 44 34.95 9.36 11.14
C GLY A 44 36.01 10.00 10.25
N GLU A 45 35.69 10.28 8.98
CA GLU A 45 36.65 10.81 7.97
C GLU A 45 36.43 12.30 7.70
N THR A 46 35.58 12.99 8.48
CA THR A 46 35.23 14.42 8.28
C THR A 46 35.78 15.26 9.42
N LYS A 47 36.42 16.37 9.09
CA LYS A 47 37.04 17.31 10.04
C LYS A 47 35.97 18.34 10.40
N CYS A 48 35.64 18.51 11.67
CA CYS A 48 34.64 19.51 12.14
C CYS A 48 35.31 20.40 13.17
N THR A 49 35.24 21.72 12.98
CA THR A 49 35.90 22.77 13.81
C THR A 49 34.87 23.86 14.11
N PRO A 50 34.19 23.83 15.27
CA PRO A 50 33.33 24.96 15.67
C PRO A 50 34.06 26.31 15.67
N VAL A 51 33.32 27.37 15.36
CA VAL A 51 33.93 28.70 15.07
C VAL A 51 32.82 29.75 15.21
N ASN A 52 33.22 30.97 15.56
CA ASN A 52 32.26 32.10 15.63
C ASN A 52 32.38 32.87 14.31
N ALA A 53 31.29 32.87 13.50
CA ALA A 53 31.25 33.51 12.17
C ALA A 53 30.61 34.89 12.33
N GLY A 54 31.43 35.93 12.55
CA GLY A 54 30.99 37.31 12.86
C GLY A 54 29.83 37.32 13.85
N GLY A 55 29.93 36.54 14.94
CA GLY A 55 28.91 36.52 16.00
C GLY A 55 27.82 35.48 15.77
N VAL A 56 27.98 34.61 14.78
CA VAL A 56 27.02 33.50 14.53
C VAL A 56 27.72 32.20 14.86
N PRO A 57 27.18 31.42 15.83
CA PRO A 57 27.71 30.10 16.14
C PRO A 57 27.72 29.29 14.83
N ALA A 58 28.86 28.70 14.50
CA ALA A 58 29.06 28.00 13.22
C ALA A 58 30.08 26.88 13.43
N GLU A 59 30.28 26.11 12.35
CA GLU A 59 31.19 24.94 12.27
C GLU A 59 31.76 24.78 10.86
N TRP A 60 33.09 24.83 10.74
CA TRP A 60 33.84 24.39 9.54
C TRP A 60 33.67 22.88 9.43
N ILE A 61 33.17 22.40 8.30
CA ILE A 61 32.96 20.96 7.97
C ILE A 61 33.74 20.71 6.66
N ALA A 62 34.78 19.87 6.73
CA ALA A 62 35.73 19.64 5.62
C ALA A 62 35.86 18.14 5.34
N ALA A 63 35.33 17.68 4.21
CA ALA A 63 35.63 16.35 3.65
C ALA A 63 37.12 16.33 3.29
N PRO A 64 37.74 15.14 3.26
CA PRO A 64 39.18 15.05 3.05
C PRO A 64 39.61 15.82 1.78
N GLY A 65 40.72 16.56 1.90
CA GLY A 65 41.27 17.39 0.80
C GLY A 65 40.24 18.31 0.15
N ALA A 66 39.44 18.98 0.96
CA ALA A 66 38.65 20.17 0.56
C ALA A 66 39.56 21.39 0.73
N ALA A 67 39.47 22.35 -0.17
CA ALA A 67 40.38 23.52 -0.17
C ALA A 67 39.91 24.49 0.91
N ASP A 68 40.86 25.08 1.64
CA ASP A 68 40.58 26.16 2.64
C ASP A 68 39.94 27.33 1.89
N ASP A 69 40.40 27.63 0.68
CA ASP A 69 40.09 28.88 -0.10
C ASP A 69 38.88 28.68 -1.03
N ARG A 70 38.27 27.50 -1.07
CA ARG A 70 36.94 27.27 -1.72
C ARG A 70 35.92 26.95 -0.61
N VAL A 71 34.82 27.69 -0.54
CA VAL A 71 33.92 27.70 0.65
C VAL A 71 32.44 27.68 0.23
N ILE A 72 31.68 26.72 0.77
CA ILE A 72 30.18 26.73 0.84
C ILE A 72 29.74 27.29 2.18
N LEU A 73 28.99 28.38 2.16
CA LEU A 73 28.24 28.91 3.31
C LEU A 73 26.88 28.24 3.31
N TYR A 74 26.62 27.32 4.25
CA TYR A 74 25.46 26.39 4.21
C TYR A 74 24.40 26.81 5.22
N LEU A 75 23.17 26.87 4.73
CA LEU A 75 22.00 27.38 5.47
C LEU A 75 20.94 26.27 5.56
N HIS A 76 20.80 25.66 6.72
CA HIS A 76 20.03 24.41 6.92
C HIS A 76 18.55 24.73 6.91
N GLY A 77 17.75 23.76 6.48
CA GLY A 77 16.28 23.85 6.53
C GLY A 77 15.76 23.56 7.91
N GLY A 78 14.44 23.45 8.02
CA GLY A 78 13.73 23.32 9.30
C GLY A 78 12.77 24.47 9.54
N GLY A 79 12.15 25.00 8.48
CA GLY A 79 10.98 25.89 8.56
C GLY A 79 11.24 27.20 9.30
N TYR A 80 12.51 27.60 9.43
CA TYR A 80 12.97 28.80 10.20
C TYR A 80 12.66 28.66 11.71
N VAL A 81 12.19 27.48 12.18
CA VAL A 81 11.87 27.24 13.62
C VAL A 81 12.71 26.07 14.17
N MET A 82 13.25 25.21 13.32
CA MET A 82 14.05 24.04 13.79
C MET A 82 15.20 23.72 12.82
N GLY A 83 15.79 22.53 12.93
CA GLY A 83 17.05 22.15 12.27
C GLY A 83 18.23 22.78 12.98
N SER A 84 19.45 22.32 12.65
CA SER A 84 20.72 22.70 13.32
C SER A 84 21.91 22.14 12.53
N ILE A 85 23.13 22.51 12.90
CA ILE A 85 24.32 21.91 12.23
C ILE A 85 24.22 20.39 12.31
N THR A 86 23.67 19.90 13.43
CA THR A 86 23.58 18.46 13.78
C THR A 86 22.67 17.73 12.79
N THR A 87 21.47 18.23 12.50
CA THR A 87 20.48 17.60 11.55
C THR A 87 21.01 17.53 10.11
N HIS A 88 21.84 18.48 9.67
CA HIS A 88 22.29 18.63 8.26
C HIS A 88 23.78 18.28 8.09
N ARG A 89 24.44 17.85 9.15
CA ARG A 89 25.92 17.72 9.15
C ARG A 89 26.36 16.74 8.06
N GLU A 90 25.67 15.60 7.95
CA GLU A 90 26.01 14.51 6.99
C GLU A 90 25.87 15.05 5.55
N THR A 91 24.78 15.75 5.22
CA THR A 91 24.58 16.29 3.86
C THR A 91 25.71 17.28 3.55
N ILE A 92 26.03 18.16 4.50
CA ILE A 92 27.06 19.22 4.31
C ILE A 92 28.39 18.52 4.01
N ALA A 93 28.76 17.50 4.79
CA ALA A 93 30.04 16.76 4.61
C ALA A 93 30.13 16.23 3.18
N ARG A 94 29.04 15.64 2.69
CA ARG A 94 28.95 15.08 1.32
C ARG A 94 29.04 16.22 0.30
N LEU A 95 28.37 17.37 0.51
CA LEU A 95 28.50 18.51 -0.42
C LEU A 95 29.96 18.93 -0.45
N SER A 96 30.67 18.84 0.70
CA SER A 96 32.08 19.28 0.82
C SER A 96 32.95 18.37 -0.04
N LYS A 97 32.76 17.05 0.12
CA LYS A 97 33.41 15.96 -0.65
C LYS A 97 33.18 16.19 -2.15
N ALA A 98 31.93 16.10 -2.60
CA ALA A 98 31.48 16.33 -4.00
C ALA A 98 32.03 17.64 -4.58
N SER A 99 32.24 18.70 -3.77
CA SER A 99 32.67 20.02 -4.31
C SER A 99 34.17 20.28 -4.05
N GLY A 100 34.85 19.44 -3.27
CA GLY A 100 36.22 19.70 -2.83
C GLY A 100 36.32 21.03 -2.11
N ALA A 101 35.24 21.45 -1.43
CA ALA A 101 35.16 22.76 -0.73
C ALA A 101 34.87 22.56 0.75
N ARG A 102 35.47 23.38 1.59
CA ARG A 102 35.14 23.37 3.04
C ARG A 102 33.84 24.17 3.23
N ALA A 103 32.93 23.61 4.02
CA ALA A 103 31.63 24.23 4.37
C ALA A 103 31.78 25.03 5.67
N LEU A 104 31.22 26.24 5.71
CA LEU A 104 30.82 26.90 6.96
C LEU A 104 29.32 26.70 7.14
N ALA A 105 28.96 25.82 8.08
CA ALA A 105 27.59 25.44 8.45
C ALA A 105 27.10 26.37 9.56
N LEU A 106 26.06 27.14 9.30
CA LEU A 106 25.59 28.20 10.23
C LEU A 106 24.56 27.61 11.17
N ASP A 107 24.75 27.86 12.47
CA ASP A 107 23.69 27.69 13.50
C ASP A 107 23.03 29.06 13.66
N TYR A 108 22.12 29.40 12.74
CA TYR A 108 21.49 30.73 12.64
C TYR A 108 20.31 30.74 13.61
N ARG A 109 19.94 31.91 14.13
CA ARG A 109 18.93 32.04 15.20
C ARG A 109 17.57 31.67 14.59
N LEU A 110 16.67 31.09 15.39
CA LEU A 110 15.40 30.49 14.91
C LEU A 110 14.21 31.12 15.64
N ALA A 111 13.02 31.01 15.06
CA ALA A 111 11.72 31.43 15.65
C ALA A 111 11.19 30.28 16.50
N PRO A 112 10.28 30.52 17.49
CA PRO A 112 9.80 31.85 17.84
C PRO A 112 10.76 32.77 18.61
N GLU A 113 11.86 32.27 19.16
CA GLU A 113 12.79 33.03 20.04
C GLU A 113 13.35 34.26 19.30
N TYR A 114 13.83 34.09 18.06
CA TYR A 114 14.47 35.15 17.23
C TYR A 114 13.75 35.17 15.87
N PRO A 115 12.58 35.84 15.76
CA PRO A 115 11.79 35.80 14.53
C PRO A 115 12.47 36.64 13.43
N PHE A 116 11.86 36.70 12.25
CA PHE A 116 12.37 37.38 11.04
C PHE A 116 12.71 38.81 11.43
N PRO A 117 13.87 39.42 11.08
CA PRO A 117 14.86 38.86 10.17
C PRO A 117 16.19 38.41 10.80
N ALA A 118 16.17 37.89 12.04
CA ALA A 118 17.34 37.34 12.76
C ALA A 118 18.16 36.41 11.85
N ALA A 119 17.51 35.41 11.24
CA ALA A 119 18.15 34.47 10.28
C ALA A 119 18.93 35.23 9.19
N VAL A 120 18.31 36.21 8.55
CA VAL A 120 18.91 36.98 7.41
C VAL A 120 20.16 37.74 7.90
N ASP A 121 20.07 38.39 9.06
CA ASP A 121 21.17 39.17 9.67
C ASP A 121 22.35 38.24 10.02
N ASP A 122 22.11 37.01 10.49
CA ASP A 122 23.21 36.03 10.74
C ASP A 122 23.85 35.62 9.40
N ALA A 123 23.05 35.27 8.39
CA ALA A 123 23.58 34.84 7.08
C ALA A 123 24.54 35.92 6.56
N THR A 124 24.07 37.17 6.51
CA THR A 124 24.83 38.33 5.98
C THR A 124 26.09 38.55 6.85
N ALA A 125 25.91 38.55 8.18
CA ALA A 125 27.00 38.65 9.18
C ALA A 125 28.03 37.57 8.87
N ALA A 126 27.55 36.36 8.65
CA ALA A 126 28.40 35.16 8.39
C ALA A 126 29.17 35.39 7.09
N TYR A 127 28.48 35.80 6.03
CA TYR A 127 29.12 36.02 4.70
C TYR A 127 30.18 37.12 4.84
N ARG A 128 29.85 38.25 5.49
CA ARG A 128 30.79 39.39 5.63
C ARG A 128 32.03 38.92 6.41
N TRP A 129 31.84 38.08 7.43
CA TRP A 129 32.97 37.43 8.17
C TRP A 129 33.88 36.65 7.21
N LEU A 130 33.31 35.84 6.33
CA LEU A 130 34.08 35.04 5.35
C LEU A 130 34.98 35.98 4.55
N LEU A 131 34.45 37.12 4.09
CA LEU A 131 35.22 38.11 3.29
C LEU A 131 36.34 38.68 4.16
N SER A 132 36.04 38.93 5.44
CA SER A 132 36.97 39.42 6.49
C SER A 132 38.15 38.45 6.64
N GLN A 133 37.91 37.14 6.54
CA GLN A 133 38.96 36.06 6.59
C GLN A 133 39.73 35.94 5.28
N ASP A 134 39.49 36.81 4.30
CA ASP A 134 40.27 36.91 3.03
C ASP A 134 39.98 35.72 2.09
N ILE A 135 38.75 35.18 2.14
CA ILE A 135 38.23 34.21 1.13
C ILE A 135 37.59 35.03 0.01
N LYS A 136 37.97 34.78 -1.24
CA LYS A 136 37.47 35.60 -2.38
C LYS A 136 35.96 35.39 -2.49
N PRO A 137 35.17 36.43 -2.82
CA PRO A 137 33.76 36.22 -3.15
C PRO A 137 33.59 35.22 -4.32
N SER A 138 34.54 35.19 -5.27
CA SER A 138 34.47 34.35 -6.49
C SER A 138 34.75 32.88 -6.12
N ARG A 139 35.19 32.61 -4.89
CA ARG A 139 35.48 31.24 -4.38
C ARG A 139 34.37 30.78 -3.42
N ILE A 140 33.32 31.58 -3.19
CA ILE A 140 32.23 31.19 -2.26
C ILE A 140 30.95 30.89 -3.07
N VAL A 141 30.18 29.94 -2.58
CA VAL A 141 28.78 29.67 -3.00
C VAL A 141 27.92 29.60 -1.74
N VAL A 142 26.75 30.20 -1.79
CA VAL A 142 25.82 30.24 -0.62
C VAL A 142 24.72 29.24 -0.93
N ALA A 143 24.58 28.20 -0.11
CA ALA A 143 23.78 26.98 -0.39
C ALA A 143 22.84 26.72 0.78
N GLY A 144 21.69 26.11 0.57
CA GLY A 144 20.75 25.85 1.68
C GLY A 144 19.54 25.10 1.21
N ASP A 145 18.74 24.59 2.15
CA ASP A 145 17.64 23.66 1.81
C ASP A 145 16.37 24.13 2.51
N SER A 146 15.22 23.93 1.88
CA SER A 146 13.91 24.39 2.37
C SER A 146 14.02 25.87 2.81
N ALA A 147 13.65 26.20 4.05
CA ALA A 147 13.80 27.55 4.65
C ALA A 147 15.19 28.10 4.30
N GLY A 148 16.24 27.28 4.44
CA GLY A 148 17.62 27.74 4.21
C GLY A 148 17.88 28.04 2.74
N GLY A 149 17.11 27.39 1.85
CA GLY A 149 17.07 27.69 0.41
C GLY A 149 16.46 29.06 0.15
N GLY A 150 15.36 29.37 0.85
CA GLY A 150 14.78 30.72 0.92
C GLY A 150 15.81 31.73 1.41
N LEU A 151 16.50 31.39 2.52
CA LEU A 151 17.51 32.26 3.19
C LEU A 151 18.68 32.55 2.23
N VAL A 152 19.03 31.63 1.34
CA VAL A 152 20.04 31.86 0.29
C VAL A 152 19.59 33.05 -0.55
N LEU A 153 18.33 33.05 -1.01
CA LEU A 153 17.85 34.13 -1.91
C LEU A 153 17.82 35.47 -1.15
N ALA A 154 17.05 35.55 -0.07
CA ALA A 154 17.08 36.60 0.96
C ALA A 154 18.49 37.15 1.14
N THR A 155 19.44 36.31 1.53
CA THR A 155 20.83 36.72 1.81
C THR A 155 21.41 37.42 0.58
N LEU A 156 21.31 36.80 -0.60
CA LEU A 156 21.97 37.38 -1.80
C LEU A 156 21.35 38.76 -2.07
N VAL A 157 20.03 38.87 -1.97
CA VAL A 157 19.23 40.13 -2.10
C VAL A 157 19.71 41.20 -1.11
N ALA A 158 19.83 40.85 0.17
CA ALA A 158 20.33 41.74 1.24
C ALA A 158 21.72 42.26 0.83
N LEU A 159 22.59 41.33 0.42
CA LEU A 159 24.02 41.63 0.18
C LEU A 159 24.12 42.60 -0.99
N ARG A 160 23.15 42.51 -1.91
CA ARG A 160 23.23 43.23 -3.19
C ARG A 160 22.73 44.65 -2.90
N ASP A 161 21.62 44.75 -2.17
CA ASP A 161 21.13 46.00 -1.51
C ASP A 161 22.33 46.71 -0.85
N ALA A 162 23.02 46.06 0.09
CA ALA A 162 24.10 46.64 0.91
C ALA A 162 25.38 46.90 0.09
N LYS A 163 25.43 46.44 -1.17
CA LYS A 163 26.56 46.66 -2.09
C LYS A 163 27.82 45.97 -1.58
N VAL A 164 27.72 44.71 -1.11
CA VAL A 164 28.88 43.84 -0.72
C VAL A 164 29.19 42.91 -1.89
N PRO A 165 30.47 42.70 -2.26
CA PRO A 165 30.80 41.84 -3.39
C PRO A 165 30.02 40.54 -3.23
N LEU A 166 29.18 40.21 -4.23
CA LEU A 166 28.33 38.99 -4.23
C LEU A 166 29.20 37.75 -4.46
N PRO A 167 28.71 36.56 -4.05
CA PRO A 167 29.49 35.35 -4.20
C PRO A 167 29.34 34.73 -5.59
N ALA A 168 30.10 33.67 -5.86
CA ALA A 168 30.25 33.05 -7.20
C ALA A 168 28.94 32.41 -7.63
N ALA A 169 28.11 31.94 -6.68
CA ALA A 169 26.74 31.47 -6.98
C ALA A 169 25.93 31.16 -5.73
N GLY A 170 24.66 30.85 -5.98
CA GLY A 170 23.66 30.45 -5.00
C GLY A 170 23.09 29.10 -5.38
N VAL A 171 23.09 28.15 -4.45
CA VAL A 171 22.45 26.83 -4.63
C VAL A 171 21.24 26.74 -3.70
N CYS A 172 20.08 26.44 -4.27
CA CYS A 172 18.80 26.24 -3.55
C CYS A 172 18.31 24.79 -3.73
N ILE A 173 18.21 24.05 -2.63
CA ILE A 173 17.57 22.71 -2.59
C ILE A 173 16.16 22.91 -2.09
N SER A 174 15.14 22.51 -2.84
CA SER A 174 13.69 22.57 -2.46
C SER A 174 13.39 23.86 -1.71
N PRO A 175 13.81 25.04 -2.22
CA PRO A 175 13.70 26.28 -1.46
C PRO A 175 12.24 26.61 -1.14
N TRP A 176 12.00 27.15 0.06
CA TRP A 176 10.72 27.76 0.55
C TRP A 176 10.81 29.29 0.41
N ALA A 177 10.08 29.87 -0.55
CA ALA A 177 10.16 31.32 -0.89
C ALA A 177 8.80 32.02 -0.77
N ASP A 178 7.70 31.26 -0.69
CA ASP A 178 6.32 31.79 -0.59
C ASP A 178 5.71 31.42 0.79
N MET A 179 5.56 32.40 1.69
CA MET A 179 5.09 32.23 3.10
C MET A 179 3.59 31.88 3.17
N GLU A 180 2.81 32.21 2.13
CA GLU A 180 1.33 32.07 2.15
C GLU A 180 0.92 30.74 1.51
N GLY A 181 1.78 30.13 0.69
CA GLY A 181 1.54 28.85 0.02
C GLY A 181 0.54 28.99 -1.11
N THR A 182 0.77 29.93 -2.01
CA THR A 182 -0.12 30.23 -3.15
C THR A 182 0.29 29.44 -4.39
N GLY A 183 1.26 28.51 -4.26
CA GLY A 183 1.76 27.74 -5.40
C GLY A 183 0.73 26.71 -5.88
N ALA A 184 0.64 26.45 -7.19
CA ALA A 184 -0.30 25.50 -7.81
C ALA A 184 -0.05 24.10 -7.22
N SER A 185 1.23 23.82 -6.91
CA SER A 185 1.78 22.53 -6.41
C SER A 185 1.31 22.26 -4.98
N MET A 186 0.90 23.29 -4.23
CA MET A 186 0.30 23.12 -2.88
C MET A 186 -1.02 22.33 -2.95
N THR A 187 -1.63 22.22 -4.15
CA THR A 187 -2.79 21.34 -4.47
C THR A 187 -2.37 20.17 -5.39
N THR A 188 -1.62 20.40 -6.47
CA THR A 188 -1.35 19.35 -7.50
C THR A 188 -0.27 18.34 -7.02
N ARG A 189 0.42 18.58 -5.89
CA ARG A 189 1.48 17.67 -5.37
C ARG A 189 1.21 17.31 -3.90
N ALA A 190 0.00 17.56 -3.41
CA ALA A 190 -0.39 17.32 -2.00
C ALA A 190 -0.41 15.82 -1.69
N LYS A 191 -1.05 15.03 -2.57
CA LYS A 191 -1.07 13.56 -2.53
C LYS A 191 0.37 13.03 -2.46
N ALA A 192 1.21 13.36 -3.45
CA ALA A 192 2.57 12.82 -3.69
C ALA A 192 3.56 13.17 -2.57
N ASP A 193 3.40 14.30 -1.85
CA ASP A 193 4.43 14.79 -0.89
C ASP A 193 4.13 14.27 0.51
N PRO A 194 5.00 13.42 1.06
CA PRO A 194 4.73 12.76 2.33
C PRO A 194 4.95 13.61 3.60
N VAL A 195 5.36 14.87 3.48
CA VAL A 195 5.76 15.64 4.69
C VAL A 195 5.37 17.11 4.57
N VAL A 196 5.69 17.84 3.50
CA VAL A 196 5.35 19.31 3.44
C VAL A 196 3.91 19.47 2.95
N GLN A 197 3.05 20.14 3.73
CA GLN A 197 1.62 20.41 3.38
C GLN A 197 1.30 21.87 3.69
N LYS A 198 0.27 22.44 3.06
CA LYS A 198 0.07 23.92 3.09
C LYS A 198 -0.08 24.43 4.52
N GLU A 199 -1.00 23.84 5.29
CA GLU A 199 -1.37 24.21 6.68
C GLU A 199 -0.11 24.35 7.54
N MET A 200 0.61 23.24 7.74
CA MET A 200 1.77 23.19 8.67
C MET A 200 2.81 24.24 8.26
N LEU A 201 3.04 24.39 6.95
CA LEU A 201 4.03 25.35 6.40
C LEU A 201 3.64 26.81 6.63
N VAL A 202 2.37 27.19 6.40
CA VAL A 202 1.86 28.56 6.66
C VAL A 202 2.04 28.84 8.16
N ASN A 203 1.65 27.88 9.00
CA ASN A 203 1.78 27.99 10.47
C ASN A 203 3.25 28.30 10.80
N MET A 204 4.20 27.51 10.28
CA MET A 204 5.66 27.72 10.52
C MET A 204 6.05 29.11 10.05
N GLY A 205 5.51 29.55 8.90
CA GLY A 205 5.72 30.90 8.34
C GLY A 205 5.29 31.99 9.31
N LYS A 206 4.05 31.91 9.77
CA LYS A 206 3.48 32.83 10.79
C LYS A 206 4.47 32.95 11.95
N THR A 207 4.92 31.83 12.52
CA THR A 207 5.93 31.79 13.63
C THR A 207 7.19 32.57 13.25
N TYR A 208 7.76 32.36 12.04
CA TYR A 208 8.95 33.09 11.54
C TYR A 208 8.70 34.58 11.45
N LEU A 209 7.57 34.97 10.86
CA LEU A 209 7.21 36.40 10.57
C LEU A 209 6.97 37.19 11.88
N GLY A 210 6.53 36.53 12.96
CA GLY A 210 6.06 37.22 14.18
C GLY A 210 5.12 38.36 13.83
N GLY A 211 4.07 38.08 13.05
CA GLY A 211 2.98 39.03 12.73
C GLY A 211 3.41 40.15 11.80
N LYS A 212 4.64 40.12 11.27
CA LYS A 212 5.08 40.97 10.14
C LYS A 212 4.49 40.45 8.83
N ASP A 213 4.67 41.24 7.78
CA ASP A 213 3.94 41.12 6.50
C ASP A 213 4.48 39.89 5.74
N ALA A 214 3.57 39.02 5.32
CA ALA A 214 3.83 37.71 4.70
C ALA A 214 4.51 37.86 3.32
N LYS A 215 4.42 39.05 2.72
CA LYS A 215 5.00 39.33 1.38
C LYS A 215 6.30 40.14 1.50
N SER A 216 6.87 40.26 2.71
CA SER A 216 8.19 40.91 2.94
C SER A 216 9.24 40.18 2.09
N PRO A 217 9.86 40.85 1.11
CA PRO A 217 10.92 40.24 0.29
C PRO A 217 11.95 39.34 0.99
N LEU A 218 12.49 39.77 2.13
CA LEU A 218 13.63 39.02 2.77
C LEU A 218 13.13 37.76 3.50
N ALA A 219 11.84 37.68 3.78
CA ALA A 219 11.16 36.53 4.42
C ALA A 219 10.55 35.62 3.35
N ALA A 220 10.04 36.21 2.27
CA ALA A 220 9.37 35.49 1.15
C ALA A 220 10.02 35.90 -0.16
N PRO A 221 11.22 35.38 -0.51
CA PRO A 221 11.99 35.92 -1.64
C PRO A 221 11.33 35.70 -3.01
N LEU A 222 10.22 34.98 -3.09
CA LEU A 222 9.33 34.93 -4.30
C LEU A 222 9.08 36.38 -4.78
N HIS A 223 8.92 37.29 -3.81
CA HIS A 223 8.45 38.69 -3.94
C HIS A 223 9.67 39.62 -3.94
N ALA A 224 10.88 39.09 -3.97
CA ALA A 224 12.10 39.91 -3.92
C ALA A 224 12.51 40.32 -5.33
N ASP A 225 13.41 41.28 -5.38
CA ASP A 225 14.00 41.85 -6.62
C ASP A 225 15.28 41.04 -6.90
N PHE A 226 15.39 40.41 -8.07
CA PHE A 226 16.45 39.40 -8.39
C PHE A 226 17.56 40.01 -9.25
N ARG A 227 17.39 41.27 -9.68
CA ARG A 227 18.30 41.88 -10.68
C ARG A 227 19.71 41.96 -10.10
N GLY A 228 20.69 41.43 -10.82
CA GLY A 228 22.12 41.53 -10.45
C GLY A 228 22.59 40.38 -9.58
N LEU A 229 21.71 39.49 -9.10
CA LEU A 229 22.11 38.29 -8.28
C LEU A 229 23.04 37.43 -9.13
N PRO A 230 23.92 36.62 -8.49
CA PRO A 230 24.83 35.76 -9.24
C PRO A 230 24.04 34.54 -9.70
N PRO A 231 24.69 33.68 -10.52
CA PRO A 231 24.08 32.43 -10.98
C PRO A 231 23.46 31.65 -9.81
N LEU A 232 22.30 31.04 -10.13
CA LEU A 232 21.47 30.28 -9.17
C LEU A 232 21.36 28.84 -9.69
N PHE A 233 21.61 27.85 -8.82
CA PHE A 233 21.29 26.43 -9.09
C PHE A 233 20.15 25.99 -8.19
N ILE A 234 19.06 25.53 -8.77
CA ILE A 234 17.84 25.16 -8.00
C ILE A 234 17.55 23.69 -8.30
N GLN A 235 17.64 22.84 -7.28
CA GLN A 235 17.22 21.42 -7.35
C GLN A 235 15.90 21.35 -6.58
N VAL A 236 14.92 20.62 -7.11
CA VAL A 236 13.60 20.44 -6.44
C VAL A 236 13.05 19.10 -6.89
N GLY A 237 12.26 18.45 -6.06
CA GLY A 237 11.63 17.16 -6.43
C GLY A 237 10.28 17.40 -7.05
N ASP A 238 9.79 16.51 -7.89
CA ASP A 238 8.43 16.61 -8.45
C ASP A 238 7.38 16.35 -7.35
N ALA A 239 7.63 15.42 -6.42
CA ALA A 239 6.69 15.04 -5.35
C ALA A 239 6.84 16.06 -4.20
N GLU A 240 6.55 17.32 -4.48
CA GLU A 240 6.81 18.44 -3.53
C GLU A 240 5.75 19.53 -3.69
N THR A 241 5.07 19.89 -2.60
CA THR A 241 4.14 21.04 -2.61
C THR A 241 4.95 22.32 -2.84
N LEU A 242 6.28 22.28 -2.66
CA LEU A 242 7.18 23.44 -2.87
C LEU A 242 7.74 23.49 -4.31
N LEU A 243 7.32 22.58 -5.19
CA LEU A 243 7.72 22.58 -6.62
C LEU A 243 7.60 24.00 -7.18
N ASP A 244 6.48 24.69 -6.93
CA ASP A 244 6.16 25.99 -7.59
C ASP A 244 6.81 27.18 -6.85
N ASP A 245 7.45 26.96 -5.71
CA ASP A 245 8.39 27.97 -5.15
C ASP A 245 9.66 27.99 -6.03
N SER A 246 10.11 26.81 -6.53
CA SER A 246 11.31 26.68 -7.38
C SER A 246 10.99 27.14 -8.81
N THR A 247 9.86 26.67 -9.37
CA THR A 247 9.43 27.05 -10.74
C THR A 247 9.27 28.56 -10.84
N ARG A 248 8.59 29.19 -9.89
CA ARG A 248 8.26 30.64 -9.93
C ARG A 248 9.54 31.45 -9.73
N VAL A 249 10.38 31.05 -8.77
CA VAL A 249 11.66 31.76 -8.49
C VAL A 249 12.52 31.68 -9.75
N ALA A 250 12.58 30.52 -10.39
CA ALA A 250 13.43 30.28 -11.57
C ALA A 250 12.97 31.17 -12.70
N GLU A 251 11.66 31.24 -12.91
CA GLU A 251 11.07 32.06 -13.99
C GLU A 251 11.39 33.52 -13.75
N LYS A 252 11.05 34.04 -12.58
CA LYS A 252 11.19 35.45 -12.16
C LYS A 252 12.67 35.90 -12.21
N ALA A 253 13.62 35.07 -11.80
CA ALA A 253 15.07 35.37 -11.82
C ALA A 253 15.60 35.44 -13.25
N LYS A 254 15.32 34.46 -14.12
CA LYS A 254 15.66 34.53 -15.58
C LYS A 254 15.16 35.86 -16.20
N MET A 255 13.87 36.18 -16.04
CA MET A 255 13.25 37.46 -16.47
C MET A 255 14.08 38.63 -15.94
N ALA A 256 14.59 38.54 -14.72
CA ALA A 256 15.41 39.61 -14.11
C ALA A 256 16.86 39.58 -14.62
N GLY A 257 17.20 38.65 -15.54
CA GLY A 257 18.53 38.58 -16.18
C GLY A 257 19.52 37.68 -15.46
N VAL A 258 19.08 36.97 -14.42
CA VAL A 258 19.97 36.06 -13.63
C VAL A 258 20.17 34.78 -14.42
N LYS A 259 21.40 34.28 -14.51
CA LYS A 259 21.70 32.90 -14.99
C LYS A 259 21.17 31.83 -13.98
N VAL A 260 20.07 31.16 -14.33
CA VAL A 260 19.43 30.10 -13.48
C VAL A 260 19.60 28.73 -14.16
N ASP A 261 19.92 27.69 -13.38
CA ASP A 261 19.77 26.26 -13.76
C ASP A 261 18.75 25.63 -12.81
N LEU A 262 17.64 25.15 -13.35
CA LEU A 262 16.57 24.45 -12.61
C LEU A 262 16.56 22.96 -12.98
N GLU A 263 16.66 22.04 -11.99
CA GLU A 263 16.44 20.57 -12.14
C GLU A 263 15.19 20.17 -11.34
N ILE A 264 14.19 19.61 -12.02
CA ILE A 264 12.98 19.02 -11.37
C ILE A 264 13.21 17.50 -11.41
N TRP A 265 13.53 16.92 -10.25
CA TRP A 265 13.88 15.48 -10.10
C TRP A 265 12.59 14.65 -10.02
N PRO A 266 12.25 13.85 -11.05
CA PRO A 266 11.00 13.09 -11.05
C PRO A 266 10.88 12.22 -9.79
N GLU A 267 9.70 12.18 -9.19
CA GLU A 267 9.32 11.23 -8.11
C GLU A 267 10.04 11.55 -6.80
N MET A 268 11.02 12.47 -6.77
CA MET A 268 11.81 12.78 -5.54
C MET A 268 10.96 13.62 -4.60
N PRO A 269 11.01 13.35 -3.26
CA PRO A 269 10.43 14.24 -2.25
C PRO A 269 11.38 15.33 -1.69
N HIS A 270 10.89 16.09 -0.70
CA HIS A 270 11.55 17.29 -0.13
C HIS A 270 12.98 16.99 0.37
N VAL A 271 13.99 17.73 -0.10
CA VAL A 271 15.38 17.65 0.43
C VAL A 271 15.74 16.16 0.52
N TRP A 272 15.46 15.42 -0.56
CA TRP A 272 15.77 13.98 -0.72
C TRP A 272 17.27 13.79 -0.50
N HIS A 273 18.06 14.83 -0.68
CA HIS A 273 19.52 14.81 -0.40
C HIS A 273 19.77 14.14 0.95
N LEU A 274 18.89 14.34 1.94
CA LEU A 274 19.12 13.89 3.34
C LEU A 274 19.19 12.35 3.42
N PHE A 275 18.58 11.64 2.48
CA PHE A 275 18.56 10.16 2.39
C PHE A 275 19.74 9.64 1.55
N ALA A 276 20.70 10.49 1.21
CA ALA A 276 21.89 10.20 0.36
C ALA A 276 22.55 8.88 0.76
N PRO A 277 22.76 8.60 2.08
CA PRO A 277 23.52 7.43 2.51
C PRO A 277 23.03 6.10 1.91
N PHE A 278 21.71 5.93 1.70
CA PHE A 278 21.12 4.72 1.07
C PHE A 278 20.26 5.02 -0.17
N LEU A 279 19.96 6.29 -0.48
CA LEU A 279 19.11 6.64 -1.64
C LEU A 279 20.00 7.19 -2.74
N PRO A 280 20.20 6.42 -3.83
CA PRO A 280 21.13 6.83 -4.88
C PRO A 280 20.84 8.22 -5.46
N GLU A 281 19.56 8.56 -5.64
CA GLU A 281 19.20 9.90 -6.18
C GLU A 281 19.76 11.01 -5.26
N GLY A 282 19.77 10.79 -3.95
CA GLY A 282 20.26 11.77 -2.96
C GLY A 282 21.72 12.07 -3.21
N GLN A 283 22.50 11.04 -3.52
CA GLN A 283 23.97 11.18 -3.67
C GLN A 283 24.25 11.73 -5.07
N GLN A 284 23.51 11.26 -6.08
CA GLN A 284 23.50 11.82 -7.45
C GLN A 284 23.26 13.33 -7.34
N ALA A 285 22.18 13.74 -6.67
CA ALA A 285 21.81 15.17 -6.59
C ALA A 285 22.96 15.94 -5.94
N ILE A 286 23.59 15.39 -4.89
CA ILE A 286 24.73 16.01 -4.16
C ILE A 286 25.95 16.08 -5.09
N ASP A 287 26.18 15.06 -5.91
CA ASP A 287 27.30 15.10 -6.90
C ASP A 287 27.08 16.23 -7.93
N LYS A 288 25.85 16.45 -8.39
CA LYS A 288 25.56 17.54 -9.37
C LYS A 288 25.90 18.88 -8.72
N ILE A 289 25.43 19.14 -7.50
CA ILE A 289 25.77 20.38 -6.74
C ILE A 289 27.30 20.50 -6.64
N GLY A 290 27.97 19.45 -6.19
CA GLY A 290 29.44 19.34 -6.18
C GLY A 290 30.07 19.94 -7.43
N GLN A 291 29.67 19.46 -8.60
CA GLN A 291 30.24 19.85 -9.92
C GLN A 291 29.94 21.34 -10.15
N TYR A 292 28.69 21.76 -9.96
CA TYR A 292 28.26 23.17 -10.10
C TYR A 292 29.24 24.07 -9.32
N VAL A 293 29.46 23.78 -8.06
CA VAL A 293 30.30 24.64 -7.19
C VAL A 293 31.71 24.75 -7.82
N LYS A 294 32.24 23.68 -8.40
CA LYS A 294 33.61 23.70 -9.00
C LYS A 294 33.59 24.55 -10.28
N GLN A 295 32.61 24.30 -11.16
CA GLN A 295 32.52 25.00 -12.47
C GLN A 295 32.21 26.49 -12.22
N ARG A 296 31.90 26.89 -10.98
CA ARG A 296 31.54 28.30 -10.64
C ARG A 296 32.70 28.99 -9.90
N THR A 297 33.55 28.22 -9.22
CA THR A 297 34.63 28.72 -8.33
C THR A 297 36.01 28.54 -8.97
N ALA A 298 36.11 28.06 -10.22
CA ALA A 298 37.38 27.85 -10.98
C ALA A 298 37.87 29.19 -11.58
N ALA B 2 18.44 5.23 15.89
CA ALA B 2 18.21 4.01 16.74
C ALA B 2 16.72 3.86 17.12
N SER B 3 15.81 4.19 16.18
CA SER B 3 14.35 3.85 16.28
C SER B 3 13.55 4.44 15.11
N PRO B 4 13.68 5.74 14.74
CA PRO B 4 13.11 6.23 13.48
C PRO B 4 13.81 5.47 12.34
N GLN B 5 15.11 5.17 12.54
CA GLN B 5 15.99 4.38 11.65
C GLN B 5 15.62 2.88 11.74
N LEU B 6 15.55 2.28 12.93
CA LEU B 6 15.12 0.86 13.09
C LEU B 6 13.73 0.68 12.46
N GLN B 7 12.83 1.64 12.67
CA GLN B 7 11.48 1.61 12.05
C GLN B 7 11.60 1.61 10.51
N MET B 8 12.52 2.39 9.93
CA MET B 8 12.75 2.40 8.45
C MET B 8 13.23 1.02 7.98
N ALA B 9 14.22 0.45 8.68
CA ALA B 9 14.74 -0.93 8.49
C ALA B 9 13.61 -1.96 8.56
N LEU B 10 12.77 -1.92 9.61
CA LEU B 10 11.67 -2.91 9.84
C LEU B 10 10.71 -2.84 8.65
N ASP B 11 10.31 -1.62 8.25
CA ASP B 11 9.45 -1.36 7.06
C ASP B 11 10.14 -1.93 5.83
N GLY B 12 11.47 -1.76 5.77
CA GLY B 12 12.32 -2.28 4.68
C GLY B 12 12.09 -3.76 4.51
N PHE B 13 12.23 -4.49 5.61
CA PHE B 13 12.04 -5.96 5.64
C PHE B 13 10.59 -6.29 5.28
N LYS B 14 9.63 -5.60 5.89
CA LYS B 14 8.17 -5.84 5.68
C LYS B 14 7.82 -5.66 4.19
N MET B 15 8.38 -4.67 3.49
CA MET B 15 8.20 -4.49 2.03
C MET B 15 8.85 -5.68 1.32
N MET B 16 10.09 -6.03 1.71
CA MET B 16 10.88 -7.14 1.09
C MET B 16 10.12 -8.45 1.28
N GLY B 17 9.62 -8.71 2.50
CA GLY B 17 8.92 -9.95 2.90
C GLY B 17 7.67 -10.17 2.06
N GLU B 18 6.97 -9.09 1.70
CA GLU B 18 5.76 -9.08 0.85
C GLU B 18 6.15 -9.43 -0.60
N LYS B 19 7.20 -8.79 -1.14
CA LYS B 19 7.75 -9.03 -2.51
C LYS B 19 8.25 -10.49 -2.64
N MET B 20 8.76 -11.05 -1.54
CA MET B 20 9.17 -12.48 -1.43
C MET B 20 7.92 -13.35 -1.62
N ALA B 21 6.91 -13.14 -0.77
CA ALA B 21 5.64 -13.90 -0.73
C ALA B 21 4.94 -13.84 -2.10
N GLN B 22 5.08 -12.76 -2.87
CA GLN B 22 4.35 -12.49 -4.14
C GLN B 22 5.11 -13.04 -5.36
N ALA B 23 6.32 -13.57 -5.18
CA ALA B 23 7.01 -14.39 -6.20
C ALA B 23 6.56 -15.86 -6.05
N GLY B 24 6.01 -16.21 -4.88
CA GLY B 24 5.60 -17.58 -4.50
C GLY B 24 6.79 -18.44 -4.16
N GLY B 25 7.11 -19.39 -5.03
CA GLY B 25 8.37 -20.15 -5.05
C GLY B 25 9.20 -19.86 -6.29
N ASP B 26 8.84 -18.81 -7.04
CA ASP B 26 9.50 -18.41 -8.31
C ASP B 26 10.90 -17.85 -7.98
N VAL B 27 11.94 -18.64 -8.25
CA VAL B 27 13.32 -18.44 -7.73
C VAL B 27 14.01 -17.32 -8.53
N LYS B 28 13.78 -17.21 -9.84
CA LYS B 28 14.28 -16.08 -10.68
C LYS B 28 13.78 -14.76 -10.09
N ALA B 29 12.49 -14.70 -9.79
CA ALA B 29 11.79 -13.50 -9.29
C ALA B 29 12.33 -13.15 -7.91
N MET B 30 12.32 -14.11 -6.98
CA MET B 30 12.90 -13.97 -5.62
C MET B 30 14.31 -13.39 -5.72
N ARG B 31 15.16 -13.93 -6.59
CA ARG B 31 16.56 -13.46 -6.72
C ARG B 31 16.57 -11.98 -7.11
N ALA B 32 15.53 -11.51 -7.82
CA ALA B 32 15.41 -10.11 -8.31
C ALA B 32 15.01 -9.18 -7.17
N VAL B 33 14.09 -9.61 -6.28
CA VAL B 33 13.67 -8.87 -5.05
C VAL B 33 14.91 -8.45 -4.24
N MET B 34 15.83 -9.39 -4.05
CA MET B 34 17.03 -9.16 -3.20
C MET B 34 18.00 -8.22 -3.91
N GLU B 35 18.15 -8.32 -5.23
CA GLU B 35 19.05 -7.46 -6.04
C GLU B 35 18.50 -6.02 -6.02
N GLU B 36 17.18 -5.88 -6.19
CA GLU B 36 16.44 -4.60 -6.09
C GLU B 36 16.89 -3.82 -4.85
N MET B 37 16.95 -4.47 -3.69
CA MET B 37 17.12 -3.82 -2.36
C MET B 37 18.59 -3.45 -2.13
N ALA B 38 19.52 -4.04 -2.87
CA ALA B 38 20.98 -3.87 -2.63
C ALA B 38 21.52 -2.65 -3.37
N THR B 39 22.33 -1.83 -2.69
CA THR B 39 23.13 -0.74 -3.30
C THR B 39 24.56 -0.91 -2.81
N PHE B 40 25.49 -0.14 -3.36
CA PHE B 40 26.93 -0.22 -3.04
C PHE B 40 27.47 1.19 -2.95
N PRO B 41 26.91 2.02 -2.03
CA PRO B 41 27.40 3.38 -1.76
C PRO B 41 28.89 3.51 -1.39
N SER B 42 29.52 2.45 -0.87
CA SER B 42 30.97 2.47 -0.54
C SER B 42 31.84 2.27 -1.81
N ALA B 43 31.23 2.07 -3.01
CA ALA B 43 31.92 1.56 -4.22
C ALA B 43 33.14 2.41 -4.55
N GLY B 44 33.02 3.73 -4.43
CA GLY B 44 34.02 4.71 -4.90
C GLY B 44 35.35 4.60 -4.18
N GLU B 45 35.35 4.19 -2.91
CA GLU B 45 36.62 4.07 -2.13
C GLU B 45 37.00 2.58 -1.96
N THR B 46 36.22 1.62 -2.47
CA THR B 46 36.52 0.15 -2.37
C THR B 46 37.15 -0.40 -3.66
N LYS B 47 38.33 -1.04 -3.54
CA LYS B 47 38.97 -1.82 -4.64
C LYS B 47 38.36 -3.22 -4.75
N CYS B 48 37.64 -3.51 -5.85
CA CYS B 48 36.96 -4.81 -6.13
C CYS B 48 37.68 -5.53 -7.28
N THR B 49 38.07 -6.79 -7.08
CA THR B 49 38.84 -7.57 -8.07
C THR B 49 38.23 -8.95 -8.27
N PRO B 50 37.44 -9.17 -9.35
CA PRO B 50 36.99 -10.51 -9.69
C PRO B 50 38.15 -11.52 -9.67
N VAL B 51 37.86 -12.75 -9.23
CA VAL B 51 38.86 -13.86 -9.28
C VAL B 51 38.10 -15.18 -9.25
N ASN B 52 38.73 -16.20 -9.84
CA ASN B 52 38.35 -17.62 -9.70
C ASN B 52 39.06 -18.15 -8.44
N ALA B 53 38.30 -18.59 -7.43
CA ALA B 53 38.80 -19.14 -6.14
C ALA B 53 38.65 -20.66 -6.14
N GLY B 54 39.69 -21.37 -6.60
CA GLY B 54 39.68 -22.83 -6.75
C GLY B 54 38.40 -23.33 -7.41
N GLY B 55 38.07 -22.81 -8.59
CA GLY B 55 36.87 -23.17 -9.36
C GLY B 55 35.61 -22.67 -8.69
N VAL B 56 35.69 -21.53 -8.01
CA VAL B 56 34.50 -20.83 -7.44
C VAL B 56 34.59 -19.36 -7.84
N PRO B 57 33.57 -18.85 -8.57
CA PRO B 57 33.55 -17.46 -8.97
C PRO B 57 33.48 -16.61 -7.69
N ALA B 58 34.45 -15.69 -7.54
CA ALA B 58 34.65 -14.91 -6.31
C ALA B 58 35.07 -13.46 -6.62
N GLU B 59 35.16 -12.64 -5.58
CA GLU B 59 35.63 -11.24 -5.64
C GLU B 59 36.42 -10.86 -4.40
N TRP B 60 37.66 -10.45 -4.57
CA TRP B 60 38.42 -9.64 -3.58
C TRP B 60 37.70 -8.30 -3.38
N ILE B 61 37.40 -7.93 -2.14
CA ILE B 61 36.79 -6.61 -1.79
C ILE B 61 37.63 -6.04 -0.65
N ALA B 62 38.39 -4.99 -0.92
CA ALA B 62 39.31 -4.37 0.06
C ALA B 62 38.98 -2.89 0.23
N ALA B 63 38.61 -2.51 1.46
CA ALA B 63 38.41 -1.12 1.91
C ALA B 63 39.78 -0.45 1.96
N PRO B 64 39.87 0.89 2.10
CA PRO B 64 41.18 1.53 2.22
C PRO B 64 41.71 1.07 3.59
N GLY B 65 42.99 0.68 3.67
CA GLY B 65 43.66 0.28 4.95
C GLY B 65 43.81 -1.23 5.09
N ALA B 66 42.76 -1.97 4.74
CA ALA B 66 42.71 -3.43 4.52
C ALA B 66 44.04 -3.97 4.00
N ALA B 67 44.57 -5.02 4.66
CA ALA B 67 45.88 -5.67 4.37
C ALA B 67 45.65 -6.91 3.51
N ASP B 68 46.66 -7.29 2.72
CA ASP B 68 46.60 -8.44 1.78
C ASP B 68 46.60 -9.74 2.59
N ASP B 69 47.46 -9.83 3.62
CA ASP B 69 47.87 -11.07 4.34
C ASP B 69 46.89 -11.43 5.47
N ARG B 70 45.85 -10.61 5.66
CA ARG B 70 44.72 -10.78 6.63
C ARG B 70 43.41 -10.80 5.84
N VAL B 71 42.70 -11.94 5.86
CA VAL B 71 41.54 -12.22 4.96
C VAL B 71 40.27 -12.68 5.71
N ILE B 72 39.12 -12.17 5.24
CA ILE B 72 37.75 -12.67 5.55
C ILE B 72 37.25 -13.42 4.31
N LEU B 73 37.13 -14.74 4.39
CA LEU B 73 36.29 -15.49 3.45
C LEU B 73 34.83 -15.20 3.82
N TYR B 74 34.15 -14.33 3.05
CA TYR B 74 32.75 -13.97 3.36
C TYR B 74 31.80 -14.80 2.50
N LEU B 75 30.80 -15.34 3.19
CA LEU B 75 29.81 -16.28 2.65
C LEU B 75 28.44 -15.67 2.89
N HIS B 76 27.83 -15.17 1.82
CA HIS B 76 26.59 -14.35 1.86
C HIS B 76 25.37 -15.20 2.19
N GLY B 77 24.35 -14.57 2.79
CA GLY B 77 23.03 -15.14 3.10
C GLY B 77 22.11 -15.16 1.90
N GLY B 78 20.83 -15.48 2.13
CA GLY B 78 19.83 -15.70 1.07
C GLY B 78 19.33 -17.13 0.98
N GLY B 79 19.24 -17.82 2.13
CA GLY B 79 18.58 -19.14 2.28
C GLY B 79 19.08 -20.25 1.36
N TYR B 80 20.33 -20.19 0.88
CA TYR B 80 20.98 -21.15 -0.05
C TYR B 80 20.35 -21.12 -1.47
N VAL B 81 19.38 -20.24 -1.74
CA VAL B 81 18.66 -20.17 -3.05
C VAL B 81 18.97 -18.84 -3.74
N MET B 82 19.31 -17.79 -3.01
CA MET B 82 19.50 -16.44 -3.62
C MET B 82 20.61 -15.68 -2.91
N GLY B 83 20.66 -14.35 -3.11
CA GLY B 83 21.77 -13.50 -2.66
C GLY B 83 22.94 -13.72 -3.59
N SER B 84 23.93 -12.85 -3.51
CA SER B 84 25.12 -12.80 -4.40
C SER B 84 26.17 -11.84 -3.83
N ILE B 85 27.32 -11.74 -4.50
CA ILE B 85 28.33 -10.72 -4.15
C ILE B 85 27.64 -9.36 -4.22
N THR B 86 26.79 -9.18 -5.23
CA THR B 86 26.05 -7.92 -5.46
C THR B 86 25.19 -7.61 -4.23
N THR B 87 24.39 -8.56 -3.70
CA THR B 87 23.48 -8.29 -2.55
C THR B 87 24.27 -7.86 -1.30
N HIS B 88 25.50 -8.38 -1.10
CA HIS B 88 26.22 -8.24 0.20
C HIS B 88 27.49 -7.40 0.04
N ARG B 89 27.72 -6.80 -1.12
CA ARG B 89 28.97 -6.05 -1.40
C ARG B 89 29.22 -4.98 -0.32
N GLU B 90 28.20 -4.19 -0.02
CA GLU B 90 28.28 -3.03 0.91
C GLU B 90 28.68 -3.53 2.31
N THR B 91 27.91 -4.45 2.89
CA THR B 91 28.19 -5.05 4.23
C THR B 91 29.62 -5.60 4.27
N ILE B 92 30.06 -6.19 3.15
CA ILE B 92 31.38 -6.88 3.05
C ILE B 92 32.49 -5.80 3.07
N ALA B 93 32.28 -4.69 2.35
CA ALA B 93 33.27 -3.59 2.28
C ALA B 93 33.36 -2.91 3.65
N ARG B 94 32.25 -2.82 4.38
CA ARG B 94 32.25 -2.24 5.74
C ARG B 94 32.97 -3.21 6.66
N LEU B 95 32.80 -4.52 6.49
CA LEU B 95 33.56 -5.51 7.31
C LEU B 95 35.05 -5.37 6.93
N SER B 96 35.35 -5.06 5.68
CA SER B 96 36.76 -4.89 5.25
C SER B 96 37.37 -3.71 5.98
N LYS B 97 36.72 -2.56 5.92
CA LYS B 97 37.23 -1.34 6.59
C LYS B 97 37.33 -1.58 8.11
N ALA B 98 36.27 -2.05 8.76
CA ALA B 98 36.19 -2.15 10.24
C ALA B 98 37.27 -3.10 10.77
N SER B 99 37.66 -4.13 9.98
CA SER B 99 38.60 -5.21 10.38
C SER B 99 40.00 -4.96 9.82
N GLY B 100 40.19 -4.00 8.91
CA GLY B 100 41.52 -3.76 8.30
C GLY B 100 41.97 -5.01 7.56
N ALA B 101 41.03 -5.79 7.04
CA ALA B 101 41.30 -7.05 6.31
C ALA B 101 40.68 -7.01 4.92
N ARG B 102 41.43 -7.51 3.96
CA ARG B 102 40.93 -7.88 2.61
C ARG B 102 39.93 -9.03 2.76
N ALA B 103 38.81 -9.00 2.06
CA ALA B 103 37.74 -10.01 2.08
C ALA B 103 37.69 -10.71 0.73
N LEU B 104 37.34 -11.98 0.73
CA LEU B 104 37.02 -12.78 -0.47
C LEU B 104 35.53 -13.16 -0.43
N ALA B 105 34.75 -12.55 -1.30
CA ALA B 105 33.30 -12.77 -1.40
C ALA B 105 33.07 -13.89 -2.42
N LEU B 106 32.34 -14.97 -2.06
CA LEU B 106 32.07 -16.12 -2.95
C LEU B 106 30.68 -15.97 -3.55
N ASP B 107 30.60 -16.14 -4.87
CA ASP B 107 29.35 -16.48 -5.61
C ASP B 107 29.32 -18.01 -5.59
N TYR B 108 28.99 -18.55 -4.42
CA TYR B 108 28.86 -20.00 -4.23
C TYR B 108 27.59 -20.43 -4.98
N ARG B 109 27.57 -21.68 -5.41
CA ARG B 109 26.48 -22.25 -6.26
C ARG B 109 25.24 -22.41 -5.39
N LEU B 110 24.05 -22.20 -5.95
CA LEU B 110 22.77 -22.06 -5.19
C LEU B 110 21.77 -23.12 -5.66
N ALA B 111 20.91 -23.57 -4.75
CA ALA B 111 19.75 -24.42 -5.08
C ALA B 111 18.69 -23.58 -5.79
N PRO B 112 17.84 -24.18 -6.66
CA PRO B 112 17.78 -25.63 -6.86
C PRO B 112 18.67 -26.18 -8.00
N GLU B 113 19.40 -25.31 -8.68
CA GLU B 113 20.32 -25.71 -9.77
C GLU B 113 21.42 -26.58 -9.16
N TYR B 114 21.93 -26.23 -7.97
CA TYR B 114 23.13 -26.85 -7.36
C TYR B 114 22.85 -27.16 -5.88
N PRO B 115 22.00 -28.16 -5.56
CA PRO B 115 21.53 -28.31 -4.19
C PRO B 115 22.63 -28.79 -3.24
N PHE B 116 22.27 -28.99 -1.97
CA PHE B 116 23.19 -29.49 -0.92
C PHE B 116 23.84 -30.77 -1.45
N PRO B 117 25.20 -30.88 -1.48
CA PRO B 117 26.12 -30.05 -0.72
C PRO B 117 27.00 -29.00 -1.42
N ALA B 118 26.62 -28.52 -2.60
CA ALA B 118 27.52 -27.76 -3.52
C ALA B 118 28.10 -26.52 -2.83
N ALA B 119 27.26 -25.79 -2.08
CA ALA B 119 27.66 -24.58 -1.32
C ALA B 119 28.89 -24.91 -0.45
N VAL B 120 28.80 -26.03 0.28
CA VAL B 120 29.84 -26.50 1.25
C VAL B 120 31.13 -26.86 0.51
N ASP B 121 31.02 -27.44 -0.70
CA ASP B 121 32.18 -27.84 -1.53
C ASP B 121 32.85 -26.59 -2.11
N ASP B 122 32.05 -25.62 -2.56
CA ASP B 122 32.56 -24.29 -2.99
C ASP B 122 33.28 -23.63 -1.80
N ALA B 123 32.60 -23.55 -0.65
CA ALA B 123 33.18 -22.91 0.54
C ALA B 123 34.58 -23.49 0.82
N THR B 124 34.67 -24.83 0.91
CA THR B 124 35.92 -25.50 1.37
C THR B 124 36.96 -25.37 0.26
N ALA B 125 36.50 -25.43 -1.01
CA ALA B 125 37.35 -25.28 -2.21
C ALA B 125 37.96 -23.88 -2.20
N ALA B 126 37.13 -22.88 -1.90
CA ALA B 126 37.56 -21.47 -1.76
C ALA B 126 38.57 -21.36 -0.61
N TYR B 127 38.30 -22.04 0.50
CA TYR B 127 39.22 -21.98 1.66
C TYR B 127 40.58 -22.54 1.23
N ARG B 128 40.64 -23.77 0.71
CA ARG B 128 41.94 -24.43 0.37
C ARG B 128 42.73 -23.57 -0.62
N TRP B 129 42.04 -22.98 -1.61
CA TRP B 129 42.59 -22.00 -2.57
C TRP B 129 43.28 -20.85 -1.81
N LEU B 130 42.60 -20.27 -0.82
CA LEU B 130 43.20 -19.20 0.00
C LEU B 130 44.57 -19.69 0.50
N LEU B 131 44.68 -20.95 0.93
CA LEU B 131 45.89 -21.50 1.61
C LEU B 131 46.99 -21.68 0.56
N SER B 132 46.59 -22.18 -0.63
CA SER B 132 47.46 -22.30 -1.84
C SER B 132 48.10 -20.95 -2.19
N GLN B 133 47.46 -19.83 -1.83
CA GLN B 133 47.93 -18.45 -2.18
C GLN B 133 48.79 -17.88 -1.03
N ASP B 134 49.24 -18.73 -0.10
CA ASP B 134 50.19 -18.41 1.02
C ASP B 134 49.57 -17.43 2.04
N ILE B 135 48.25 -17.42 2.16
CA ILE B 135 47.53 -16.74 3.27
C ILE B 135 47.47 -17.71 4.46
N LYS B 136 48.12 -17.34 5.57
CA LYS B 136 48.26 -18.17 6.81
C LYS B 136 46.87 -18.41 7.38
N PRO B 137 46.49 -19.63 7.82
CA PRO B 137 45.19 -19.86 8.45
C PRO B 137 44.92 -19.04 9.73
N SER B 138 45.98 -18.61 10.41
CA SER B 138 45.89 -17.78 11.64
C SER B 138 45.57 -16.34 11.27
N ARG B 139 45.61 -16.00 9.97
CA ARG B 139 45.28 -14.66 9.42
C ARG B 139 43.97 -14.74 8.61
N ILE B 140 43.20 -15.83 8.76
CA ILE B 140 41.89 -16.04 8.10
C ILE B 140 40.75 -16.05 9.14
N VAL B 141 39.62 -15.45 8.78
CA VAL B 141 38.33 -15.60 9.51
C VAL B 141 37.30 -15.95 8.45
N VAL B 142 36.45 -16.92 8.73
CA VAL B 142 35.38 -17.32 7.79
C VAL B 142 34.11 -16.77 8.40
N ALA B 143 33.44 -15.86 7.68
CA ALA B 143 32.31 -15.02 8.13
C ALA B 143 31.12 -15.19 7.19
N GLY B 144 29.90 -15.10 7.68
CA GLY B 144 28.69 -15.42 6.88
C GLY B 144 27.44 -14.95 7.57
N ASP B 145 26.36 -14.70 6.86
CA ASP B 145 25.08 -14.26 7.47
C ASP B 145 23.96 -15.20 7.04
N SER B 146 23.02 -15.51 7.92
CA SER B 146 21.82 -16.30 7.56
CA SER B 146 21.82 -16.31 7.55
C SER B 146 22.27 -17.70 7.07
N ALA B 147 21.78 -18.16 5.91
CA ALA B 147 22.26 -19.38 5.23
C ALA B 147 23.80 -19.41 5.25
N GLY B 148 24.45 -18.27 4.98
CA GLY B 148 25.91 -18.16 4.97
C GLY B 148 26.48 -18.33 6.35
N GLY B 149 25.70 -18.02 7.39
CA GLY B 149 26.10 -18.24 8.79
C GLY B 149 26.24 -19.72 9.10
N GLY B 150 25.14 -20.46 8.86
CA GLY B 150 25.14 -21.91 8.62
C GLY B 150 26.40 -22.35 7.88
N LEU B 151 26.61 -21.88 6.65
CA LEU B 151 27.72 -22.35 5.77
C LEU B 151 29.06 -22.15 6.48
N VAL B 152 29.19 -21.14 7.32
CA VAL B 152 30.47 -20.97 8.08
C VAL B 152 30.69 -22.22 8.93
N LEU B 153 29.63 -22.66 9.61
CA LEU B 153 29.72 -23.79 10.57
C LEU B 153 30.07 -25.06 9.80
N ALA B 154 29.21 -25.44 8.86
CA ALA B 154 29.41 -26.56 7.90
C ALA B 154 30.83 -26.52 7.30
N THR B 155 31.29 -25.38 6.84
CA THR B 155 32.64 -25.23 6.24
C THR B 155 33.70 -25.61 7.29
N LEU B 156 33.64 -25.07 8.51
CA LEU B 156 34.64 -25.38 9.56
C LEU B 156 34.56 -26.87 9.96
N VAL B 157 33.35 -27.42 10.15
CA VAL B 157 33.13 -28.89 10.34
C VAL B 157 33.86 -29.67 9.22
N ALA B 158 33.46 -29.47 7.96
CA ALA B 158 34.04 -30.17 6.78
C ALA B 158 35.57 -30.05 6.83
N LEU B 159 36.09 -28.85 7.07
CA LEU B 159 37.57 -28.61 7.04
C LEU B 159 38.21 -29.43 8.16
N ARG B 160 37.59 -29.49 9.35
CA ARG B 160 38.19 -30.16 10.54
C ARG B 160 38.27 -31.66 10.27
N ASP B 161 37.14 -32.26 9.90
CA ASP B 161 36.99 -33.67 9.40
C ASP B 161 38.02 -34.02 8.31
N ALA B 162 38.46 -33.07 7.50
CA ALA B 162 39.39 -33.31 6.37
C ALA B 162 40.83 -32.98 6.81
N LYS B 163 41.00 -32.47 8.02
CA LYS B 163 42.34 -32.21 8.59
C LYS B 163 43.06 -31.12 7.79
N VAL B 164 42.28 -30.18 7.26
CA VAL B 164 42.81 -28.91 6.69
C VAL B 164 43.05 -27.98 7.87
N PRO B 165 44.24 -27.34 7.94
CA PRO B 165 44.57 -26.47 9.07
C PRO B 165 43.46 -25.41 9.13
N LEU B 166 42.99 -25.11 10.34
CA LEU B 166 41.73 -24.35 10.55
C LEU B 166 42.05 -22.86 10.61
N PRO B 167 41.06 -21.99 10.26
CA PRO B 167 41.23 -20.54 10.36
C PRO B 167 41.25 -20.03 11.80
N ALA B 168 41.60 -18.74 11.99
CA ALA B 168 41.73 -18.09 13.31
C ALA B 168 40.37 -18.09 14.02
N ALA B 169 39.29 -17.86 13.28
CA ALA B 169 37.94 -17.73 13.85
C ALA B 169 36.89 -17.90 12.77
N GLY B 170 35.66 -18.07 13.24
CA GLY B 170 34.42 -18.10 12.45
C GLY B 170 33.49 -17.02 12.95
N VAL B 171 32.77 -16.35 12.04
CA VAL B 171 31.78 -15.32 12.42
C VAL B 171 30.43 -15.62 11.73
N CYS B 172 29.39 -15.80 12.53
CA CYS B 172 28.01 -16.11 12.10
C CYS B 172 27.07 -14.95 12.50
N ILE B 173 26.44 -14.33 11.49
CA ILE B 173 25.45 -13.22 11.67
C ILE B 173 24.07 -13.86 11.48
N SER B 174 23.24 -13.83 12.53
CA SER B 174 21.88 -14.42 12.50
C SER B 174 21.91 -15.79 11.80
N PRO B 175 22.89 -16.68 12.11
CA PRO B 175 23.08 -17.90 11.33
C PRO B 175 21.84 -18.80 11.34
N TRP B 176 21.54 -19.42 10.19
CA TRP B 176 20.52 -20.48 9.95
C TRP B 176 21.17 -21.86 10.17
N ALA B 177 20.91 -22.51 11.31
CA ALA B 177 21.56 -23.78 11.74
C ALA B 177 20.61 -24.99 11.61
N ASP B 178 19.29 -24.78 11.74
CA ASP B 178 18.26 -25.84 11.89
C ASP B 178 17.24 -25.75 10.74
N MET B 179 17.25 -26.73 9.83
CA MET B 179 16.46 -26.77 8.56
C MET B 179 14.96 -26.99 8.82
N GLU B 180 14.57 -27.38 10.04
CA GLU B 180 13.18 -27.78 10.39
C GLU B 180 12.50 -26.67 11.22
N GLY B 181 13.24 -25.62 11.59
CA GLY B 181 12.74 -24.52 12.42
C GLY B 181 11.98 -25.05 13.61
N THR B 182 12.70 -25.57 14.61
CA THR B 182 12.15 -26.27 15.81
C THR B 182 12.45 -25.46 17.08
N GLY B 183 13.01 -24.25 16.95
CA GLY B 183 13.43 -23.38 18.09
C GLY B 183 12.24 -22.65 18.69
N ALA B 184 12.33 -22.30 19.98
CA ALA B 184 11.23 -21.61 20.70
C ALA B 184 10.92 -20.29 19.98
N SER B 185 11.95 -19.65 19.41
CA SER B 185 11.88 -18.32 18.77
C SER B 185 11.04 -18.36 17.47
N MET B 186 10.84 -19.53 16.84
CA MET B 186 9.88 -19.64 15.69
C MET B 186 8.45 -19.30 16.16
N THR B 187 8.16 -19.36 17.47
CA THR B 187 6.84 -18.99 18.05
C THR B 187 6.96 -17.66 18.80
N THR B 188 7.96 -17.50 19.68
CA THR B 188 8.12 -16.33 20.60
C THR B 188 8.52 -15.05 19.85
N ARG B 189 9.10 -15.15 18.64
CA ARG B 189 9.61 -13.98 17.86
C ARG B 189 8.91 -13.85 16.50
N ALA B 190 7.80 -14.56 16.26
CA ALA B 190 7.14 -14.63 14.94
C ALA B 190 6.43 -13.29 14.65
N LYS B 191 5.84 -12.67 15.68
CA LYS B 191 5.19 -11.35 15.56
C LYS B 191 6.28 -10.31 15.32
N ALA B 192 7.31 -10.32 16.17
CA ALA B 192 8.43 -9.35 16.19
C ALA B 192 9.23 -9.35 14.87
N ASP B 193 9.36 -10.48 14.16
CA ASP B 193 10.33 -10.62 13.03
C ASP B 193 9.66 -10.36 11.69
N PRO B 194 10.04 -9.25 11.01
CA PRO B 194 9.35 -8.81 9.79
C PRO B 194 9.62 -9.62 8.50
N VAL B 195 10.44 -10.67 8.55
CA VAL B 195 11.05 -11.25 7.32
C VAL B 195 11.16 -12.79 7.40
N VAL B 196 11.65 -13.38 8.48
CA VAL B 196 11.87 -14.86 8.58
C VAL B 196 10.71 -15.49 9.36
N GLN B 197 9.90 -16.29 8.67
CA GLN B 197 8.82 -17.12 9.28
C GLN B 197 9.10 -18.60 8.95
N LYS B 198 8.51 -19.51 9.71
CA LYS B 198 8.84 -20.96 9.67
C LYS B 198 8.49 -21.54 8.30
N GLU B 199 7.21 -21.46 7.92
CA GLU B 199 6.65 -22.02 6.66
C GLU B 199 7.62 -21.70 5.51
N MET B 200 7.82 -20.41 5.22
CA MET B 200 8.62 -19.92 4.05
C MET B 200 10.04 -20.49 4.07
N LEU B 201 10.54 -20.83 5.27
CA LEU B 201 11.97 -21.14 5.58
C LEU B 201 12.25 -22.65 5.54
N VAL B 202 11.38 -23.45 6.16
CA VAL B 202 11.39 -24.94 6.04
C VAL B 202 11.35 -25.26 4.54
N ASN B 203 10.44 -24.61 3.82
CA ASN B 203 10.15 -24.85 2.38
C ASN B 203 11.39 -24.45 1.57
N MET B 204 12.15 -23.45 2.04
CA MET B 204 13.41 -22.96 1.41
C MET B 204 14.58 -23.93 1.70
N GLY B 205 14.62 -24.50 2.91
CA GLY B 205 15.54 -25.61 3.27
C GLY B 205 15.36 -26.80 2.34
N LYS B 206 14.11 -27.21 2.12
CA LYS B 206 13.75 -28.36 1.24
C LYS B 206 14.37 -28.16 -0.16
N THR B 207 14.30 -26.94 -0.67
CA THR B 207 14.94 -26.54 -1.95
C THR B 207 16.45 -26.81 -1.89
N TYR B 208 17.15 -26.38 -0.82
CA TYR B 208 18.61 -26.59 -0.66
C TYR B 208 18.93 -28.09 -0.53
N LEU B 209 18.12 -28.83 0.24
CA LEU B 209 18.38 -30.25 0.65
C LEU B 209 18.37 -31.20 -0.57
N GLY B 210 17.50 -30.98 -1.55
CA GLY B 210 17.27 -31.89 -2.70
C GLY B 210 16.64 -33.19 -2.24
N GLY B 211 15.63 -33.10 -1.35
CA GLY B 211 15.01 -34.23 -0.64
C GLY B 211 15.97 -35.10 0.17
N LYS B 212 17.18 -34.62 0.48
CA LYS B 212 18.13 -35.31 1.41
C LYS B 212 17.69 -35.02 2.86
N ASP B 213 18.38 -35.61 3.84
CA ASP B 213 17.95 -35.60 5.26
C ASP B 213 18.21 -34.22 5.89
N ALA B 214 17.15 -33.65 6.51
CA ALA B 214 17.07 -32.31 7.13
C ALA B 214 17.97 -32.21 8.37
N LYS B 215 18.33 -33.36 8.94
CA LYS B 215 19.21 -33.42 10.12
C LYS B 215 20.65 -33.57 9.63
N SER B 216 20.83 -33.70 8.32
CA SER B 216 22.15 -33.77 7.65
C SER B 216 23.09 -32.69 8.25
N PRO B 217 24.06 -33.05 9.13
CA PRO B 217 24.98 -32.10 9.76
C PRO B 217 25.59 -30.93 8.98
N LEU B 218 25.96 -31.12 7.72
CA LEU B 218 26.62 -30.08 6.88
C LEU B 218 25.57 -29.15 6.25
N ALA B 219 24.30 -29.50 6.32
CA ALA B 219 23.15 -28.67 5.90
C ALA B 219 22.56 -27.95 7.13
N ALA B 220 22.52 -28.64 8.28
CA ALA B 220 21.88 -28.16 9.52
C ALA B 220 22.90 -28.22 10.66
N PRO B 221 23.92 -27.32 10.69
CA PRO B 221 25.06 -27.46 11.60
C PRO B 221 24.75 -27.45 13.12
N LEU B 222 23.49 -27.20 13.49
CA LEU B 222 23.00 -27.44 14.88
C LEU B 222 23.22 -28.92 15.24
N HIS B 223 23.27 -29.81 14.26
CA HIS B 223 23.37 -31.28 14.48
C HIS B 223 24.81 -31.74 14.27
N ALA B 224 25.71 -30.82 13.89
CA ALA B 224 27.12 -31.18 13.63
C ALA B 224 27.83 -31.40 14.96
N ASP B 225 28.88 -32.20 14.90
CA ASP B 225 29.88 -32.24 15.97
C ASP B 225 30.65 -30.92 15.86
N PHE B 226 30.97 -30.27 16.98
CA PHE B 226 31.67 -28.96 17.06
C PHE B 226 33.05 -29.11 17.68
N ARG B 227 33.45 -30.31 18.12
CA ARG B 227 34.73 -30.47 18.86
C ARG B 227 35.87 -30.15 17.87
N GLY B 228 36.81 -29.29 18.28
CA GLY B 228 37.98 -28.95 17.46
C GLY B 228 37.87 -27.60 16.78
N LEU B 229 36.65 -27.10 16.49
CA LEU B 229 36.40 -25.85 15.71
C LEU B 229 37.14 -24.69 16.35
N PRO B 230 37.56 -23.66 15.57
CA PRO B 230 38.19 -22.47 16.13
C PRO B 230 37.15 -21.61 16.84
N PRO B 231 37.59 -20.52 17.50
CA PRO B 231 36.68 -19.55 18.09
C PRO B 231 35.57 -19.08 17.13
N LEU B 232 34.38 -18.90 17.71
CA LEU B 232 33.17 -18.43 16.99
C LEU B 232 32.72 -17.09 17.57
N PHE B 233 32.42 -16.12 16.71
CA PHE B 233 31.65 -14.91 17.08
C PHE B 233 30.25 -15.04 16.47
N ILE B 234 29.20 -15.07 17.30
CA ILE B 234 27.79 -15.14 16.85
C ILE B 234 27.07 -13.87 17.29
N GLN B 235 26.52 -13.11 16.32
CA GLN B 235 25.66 -11.91 16.52
C GLN B 235 24.28 -12.25 15.96
N VAL B 236 23.23 -11.92 16.69
CA VAL B 236 21.84 -12.28 16.31
C VAL B 236 20.94 -11.22 16.92
N GLY B 237 19.81 -10.96 16.29
CA GLY B 237 18.83 -10.00 16.82
C GLY B 237 17.89 -10.69 17.78
N ASP B 238 17.42 -9.99 18.81
CA ASP B 238 16.34 -10.46 19.70
C ASP B 238 15.01 -10.54 18.93
N ALA B 239 14.84 -9.79 17.84
CA ALA B 239 13.58 -9.69 17.06
C ALA B 239 13.68 -10.62 15.86
N GLU B 240 14.07 -11.87 16.10
CA GLU B 240 14.42 -12.86 15.04
C GLU B 240 13.83 -14.24 15.37
N THR B 241 13.18 -14.90 14.40
CA THR B 241 12.71 -16.29 14.52
C THR B 241 13.90 -17.25 14.64
N LEU B 242 15.07 -16.87 14.11
CA LEU B 242 16.34 -17.64 14.14
C LEU B 242 17.14 -17.39 15.42
N LEU B 243 16.59 -16.65 16.38
CA LEU B 243 17.32 -16.30 17.63
C LEU B 243 17.90 -17.59 18.25
N ASP B 244 17.07 -18.63 18.38
CA ASP B 244 17.40 -19.86 19.13
C ASP B 244 18.35 -20.79 18.32
N ASP B 245 18.41 -20.66 16.99
CA ASP B 245 19.51 -21.27 16.20
C ASP B 245 20.84 -20.80 16.79
N SER B 246 20.95 -19.51 17.14
CA SER B 246 22.20 -18.89 17.63
C SER B 246 22.47 -19.35 19.07
N THR B 247 21.46 -19.27 19.95
CA THR B 247 21.55 -19.68 21.39
C THR B 247 21.87 -21.18 21.46
N ARG B 248 21.15 -22.04 20.71
CA ARG B 248 21.39 -23.51 20.69
C ARG B 248 22.81 -23.74 20.17
N VAL B 249 23.16 -23.21 19.00
CA VAL B 249 24.54 -23.38 18.46
C VAL B 249 25.56 -22.90 19.50
N ALA B 250 25.35 -21.77 20.18
CA ALA B 250 26.29 -21.23 21.19
C ALA B 250 26.44 -22.20 22.37
N GLU B 251 25.35 -22.86 22.80
CA GLU B 251 25.33 -23.78 23.96
C GLU B 251 26.06 -25.09 23.59
N LYS B 252 25.73 -25.71 22.44
CA LYS B 252 26.42 -26.93 21.92
C LYS B 252 27.93 -26.65 21.83
N ALA B 253 28.29 -25.58 21.14
CA ALA B 253 29.69 -25.21 20.84
C ALA B 253 30.49 -25.07 22.15
N LYS B 254 29.95 -24.32 23.12
CA LYS B 254 30.57 -24.06 24.46
C LYS B 254 30.87 -25.42 25.13
N MET B 255 29.86 -26.29 25.12
CA MET B 255 29.87 -27.65 25.72
C MET B 255 30.97 -28.49 25.05
N ALA B 256 31.26 -28.27 23.76
CA ALA B 256 32.23 -29.07 22.98
C ALA B 256 33.62 -28.42 23.04
N GLY B 257 33.84 -27.49 23.96
CA GLY B 257 35.17 -26.88 24.22
C GLY B 257 35.50 -25.69 23.33
N VAL B 258 34.56 -25.26 22.45
CA VAL B 258 34.79 -24.15 21.49
C VAL B 258 34.68 -22.81 22.23
N LYS B 259 35.69 -21.95 22.09
CA LYS B 259 35.70 -20.55 22.59
C LYS B 259 34.63 -19.73 21.85
N VAL B 260 33.47 -19.51 22.47
CA VAL B 260 32.27 -18.91 21.82
C VAL B 260 31.90 -17.56 22.45
N ASP B 261 31.71 -16.52 21.64
CA ASP B 261 31.25 -15.16 22.05
C ASP B 261 29.93 -14.88 21.37
N LEU B 262 28.82 -14.97 22.11
CA LEU B 262 27.44 -14.71 21.63
C LEU B 262 26.98 -13.31 22.07
N GLU B 263 26.50 -12.47 21.14
CA GLU B 263 25.82 -11.16 21.42
C GLU B 263 24.36 -11.22 20.97
N ILE B 264 23.40 -11.10 21.88
CA ILE B 264 21.98 -10.90 21.50
C ILE B 264 21.76 -9.38 21.49
N TRP B 265 21.34 -8.85 20.33
CA TRP B 265 21.11 -7.40 20.11
C TRP B 265 19.61 -7.13 20.26
N PRO B 266 19.20 -6.38 21.32
CA PRO B 266 17.78 -6.10 21.56
C PRO B 266 17.10 -5.39 20.38
N GLU B 267 15.84 -5.76 20.13
CA GLU B 267 14.93 -5.17 19.10
C GLU B 267 15.40 -5.40 17.64
N MET B 268 16.68 -5.70 17.41
CA MET B 268 17.28 -5.77 16.04
C MET B 268 16.65 -6.92 15.24
N PRO B 269 16.41 -6.76 13.93
CA PRO B 269 15.93 -7.84 13.07
C PRO B 269 17.03 -8.56 12.28
N HIS B 270 16.63 -9.54 11.48
CA HIS B 270 17.53 -10.45 10.72
C HIS B 270 18.58 -9.64 9.97
N VAL B 271 19.86 -9.97 10.18
CA VAL B 271 21.01 -9.38 9.41
C VAL B 271 20.77 -7.86 9.27
N TRP B 272 20.44 -7.21 10.39
CA TRP B 272 20.25 -5.74 10.50
C TRP B 272 21.51 -5.04 10.01
N HIS B 273 22.66 -5.72 9.96
CA HIS B 273 23.91 -5.21 9.36
C HIS B 273 23.64 -4.62 7.98
N LEU B 274 22.69 -5.19 7.23
CA LEU B 274 22.46 -4.88 5.79
C LEU B 274 21.96 -3.44 5.66
N PHE B 275 21.53 -2.85 6.79
CA PHE B 275 21.04 -1.46 6.92
C PHE B 275 22.10 -0.56 7.56
N ALA B 276 23.34 -0.99 7.72
CA ALA B 276 24.44 -0.19 8.30
C ALA B 276 24.48 1.24 7.74
N PRO B 277 24.24 1.46 6.42
CA PRO B 277 24.42 2.79 5.84
C PRO B 277 23.70 3.91 6.60
N PHE B 278 22.47 3.63 7.07
CA PHE B 278 21.60 4.56 7.86
C PHE B 278 21.28 4.05 9.27
N LEU B 279 21.35 2.73 9.53
CA LEU B 279 20.98 2.16 10.86
C LEU B 279 22.23 2.06 11.72
N PRO B 280 22.34 2.90 12.77
CA PRO B 280 23.52 2.92 13.63
C PRO B 280 23.90 1.58 14.29
N GLU B 281 22.93 0.75 14.64
CA GLU B 281 23.22 -0.55 15.32
C GLU B 281 23.81 -1.50 14.26
N GLY B 282 23.40 -1.34 13.01
CA GLY B 282 24.05 -1.96 11.84
C GLY B 282 25.55 -1.74 11.86
N GLN B 283 25.98 -0.49 11.90
CA GLN B 283 27.41 -0.13 11.73
C GLN B 283 28.15 -0.53 13.01
N GLN B 284 27.51 -0.38 14.17
CA GLN B 284 28.05 -0.84 15.48
C GLN B 284 28.36 -2.35 15.38
N ALA B 285 27.37 -3.17 15.05
CA ALA B 285 27.53 -4.64 14.90
C ALA B 285 28.72 -4.94 13.98
N ILE B 286 28.86 -4.21 12.87
CA ILE B 286 29.97 -4.39 11.89
C ILE B 286 31.28 -3.97 12.57
N ASP B 287 31.27 -2.84 13.30
CA ASP B 287 32.48 -2.36 14.01
C ASP B 287 33.02 -3.43 14.97
N LYS B 288 32.12 -4.17 15.64
CA LYS B 288 32.50 -5.23 16.62
C LYS B 288 33.19 -6.37 15.86
N ILE B 289 32.59 -6.83 14.76
CA ILE B 289 33.17 -7.91 13.93
C ILE B 289 34.56 -7.46 13.47
N GLY B 290 34.70 -6.23 12.98
CA GLY B 290 36.02 -5.63 12.74
C GLY B 290 37.02 -5.89 13.87
N GLN B 291 36.63 -5.57 15.11
CA GLN B 291 37.47 -5.66 16.33
C GLN B 291 37.75 -7.13 16.67
N TYR B 292 36.76 -7.99 16.53
CA TYR B 292 36.90 -9.46 16.71
C TYR B 292 37.92 -10.03 15.72
N VAL B 293 37.69 -9.85 14.42
CA VAL B 293 38.62 -10.31 13.35
C VAL B 293 40.03 -9.82 13.66
N LYS B 294 40.14 -8.58 14.13
CA LYS B 294 41.45 -7.91 14.33
C LYS B 294 42.13 -8.62 15.50
N GLN B 295 41.42 -8.76 16.64
CA GLN B 295 42.03 -9.38 17.85
C GLN B 295 42.31 -10.85 17.52
N ARG B 296 41.45 -11.58 16.80
CA ARG B 296 41.67 -13.04 16.53
C ARG B 296 42.82 -13.28 15.53
N THR B 297 43.33 -12.25 14.82
CA THR B 297 44.38 -12.38 13.76
C THR B 297 45.66 -11.56 14.04
N ALA B 298 46.04 -11.34 15.30
CA ALA B 298 47.12 -10.40 15.73
C ALA B 298 48.52 -11.03 15.61
N ALA C 2 -16.52 -0.78 7.79
CA ALA C 2 -15.90 -1.48 6.63
C ALA C 2 -14.39 -1.24 6.65
N SER C 3 -13.64 -1.90 5.74
CA SER C 3 -12.33 -1.41 5.24
C SER C 3 -11.79 -2.23 4.06
N PRO C 4 -11.93 -3.58 3.99
CA PRO C 4 -11.67 -4.26 2.73
C PRO C 4 -12.65 -3.69 1.71
N GLN C 5 -13.89 -3.40 2.16
CA GLN C 5 -15.00 -2.83 1.36
C GLN C 5 -14.73 -1.35 1.09
N LEU C 6 -14.24 -0.60 2.08
CA LEU C 6 -13.83 0.82 1.84
C LEU C 6 -12.68 0.82 0.84
N GLN C 7 -11.71 -0.09 1.01
CA GLN C 7 -10.46 -0.07 0.22
C GLN C 7 -10.82 -0.37 -1.24
N MET C 8 -11.85 -1.20 -1.47
CA MET C 8 -12.33 -1.52 -2.84
C MET C 8 -12.98 -0.28 -3.47
N ALA C 9 -13.91 0.38 -2.76
CA ALA C 9 -14.57 1.63 -3.22
C ALA C 9 -13.52 2.70 -3.52
N LEU C 10 -12.47 2.83 -2.69
CA LEU C 10 -11.35 3.80 -2.91
C LEU C 10 -10.58 3.44 -4.18
N ASP C 11 -10.36 2.15 -4.45
CA ASP C 11 -9.66 1.69 -5.69
C ASP C 11 -10.61 1.85 -6.89
N GLY C 12 -11.91 1.65 -6.69
CA GLY C 12 -12.93 1.87 -7.72
C GLY C 12 -12.77 3.25 -8.33
N PHE C 13 -12.67 4.25 -7.45
CA PHE C 13 -12.60 5.70 -7.78
C PHE C 13 -11.23 6.02 -8.40
N LYS C 14 -10.14 5.51 -7.82
CA LYS C 14 -8.76 5.63 -8.37
C LYS C 14 -8.79 5.28 -9.86
N MET C 15 -9.34 4.10 -10.18
CA MET C 15 -9.47 3.58 -11.55
C MET C 15 -10.42 4.50 -12.36
N MET C 16 -11.56 4.91 -11.81
CA MET C 16 -12.47 5.85 -12.51
C MET C 16 -11.69 7.15 -12.74
N GLY C 17 -11.01 7.64 -11.69
CA GLY C 17 -10.12 8.80 -11.71
C GLY C 17 -9.19 8.76 -12.92
N GLU C 18 -8.53 7.62 -13.12
CA GLU C 18 -7.43 7.45 -14.11
C GLU C 18 -7.97 7.23 -15.54
N LYS C 19 -9.09 6.53 -15.74
CA LYS C 19 -9.77 6.42 -17.06
C LYS C 19 -10.38 7.78 -17.40
N MET C 20 -10.66 8.62 -16.37
CA MET C 20 -11.20 10.01 -16.47
C MET C 20 -10.16 10.94 -17.08
N ALA C 21 -8.98 11.01 -16.45
CA ALA C 21 -7.82 11.83 -16.90
C ALA C 21 -7.52 11.51 -18.37
N GLN C 22 -7.64 10.23 -18.75
CA GLN C 22 -7.16 9.66 -20.04
C GLN C 22 -8.23 9.77 -21.13
N ALA C 23 -9.46 10.17 -20.79
CA ALA C 23 -10.45 10.65 -21.79
C ALA C 23 -10.02 12.04 -22.26
N GLY C 24 -9.12 12.68 -21.47
CA GLY C 24 -8.71 14.09 -21.59
C GLY C 24 -9.91 15.00 -21.68
N GLY C 25 -9.98 15.79 -22.75
CA GLY C 25 -11.13 16.66 -23.09
C GLY C 25 -12.35 15.83 -23.50
N ASP C 26 -12.17 14.88 -24.43
CA ASP C 26 -13.26 14.20 -25.19
C ASP C 26 -14.39 13.78 -24.23
N VAL C 27 -15.51 14.50 -24.30
CA VAL C 27 -16.63 14.46 -23.34
C VAL C 27 -17.48 13.23 -23.60
N LYS C 28 -17.42 12.68 -24.82
CA LYS C 28 -18.14 11.44 -25.19
C LYS C 28 -17.50 10.27 -24.44
N ALA C 29 -16.17 10.31 -24.27
CA ALA C 29 -15.33 9.22 -23.70
C ALA C 29 -15.48 9.25 -22.18
N MET C 30 -15.51 10.47 -21.62
CA MET C 30 -15.82 10.76 -20.20
C MET C 30 -17.18 10.18 -19.81
N ARG C 31 -18.21 10.43 -20.60
CA ARG C 31 -19.59 9.94 -20.32
C ARG C 31 -19.57 8.40 -20.29
N ALA C 32 -18.75 7.79 -21.15
CA ALA C 32 -18.61 6.32 -21.31
C ALA C 32 -17.99 5.72 -20.04
N VAL C 33 -16.95 6.36 -19.48
CA VAL C 33 -16.30 5.95 -18.21
C VAL C 33 -17.36 5.77 -17.12
N MET C 34 -18.28 6.74 -16.99
CA MET C 34 -19.29 6.78 -15.90
C MET C 34 -20.39 5.75 -16.18
N GLU C 35 -20.76 5.58 -17.44
CA GLU C 35 -21.81 4.60 -17.88
C GLU C 35 -21.31 3.16 -17.65
N GLU C 36 -20.04 2.91 -17.96
CA GLU C 36 -19.31 1.62 -17.74
C GLU C 36 -19.52 1.14 -16.29
N MET C 37 -19.32 2.03 -15.30
CA MET C 37 -19.31 1.72 -13.83
C MET C 37 -20.73 1.54 -13.29
N ALA C 38 -21.75 2.00 -14.01
CA ALA C 38 -23.17 1.84 -13.63
C ALA C 38 -23.55 0.37 -13.78
N THR C 39 -24.05 -0.24 -12.70
CA THR C 39 -24.92 -1.44 -12.74
C THR C 39 -26.25 -1.08 -12.11
N PHE C 40 -27.26 -1.93 -12.23
CA PHE C 40 -28.62 -1.68 -11.70
C PHE C 40 -29.15 -2.97 -11.11
N PRO C 41 -28.41 -3.57 -10.14
CA PRO C 41 -28.77 -4.86 -9.54
C PRO C 41 -30.18 -4.93 -8.95
N SER C 42 -30.76 -3.79 -8.58
CA SER C 42 -32.13 -3.73 -8.01
C SER C 42 -33.20 -3.68 -9.11
N ALA C 43 -32.86 -3.83 -10.40
CA ALA C 43 -33.78 -3.58 -11.54
C ALA C 43 -35.04 -4.46 -11.40
N GLY C 44 -34.91 -5.70 -10.94
CA GLY C 44 -36.00 -6.70 -10.94
C GLY C 44 -37.21 -6.32 -10.10
N GLU C 45 -36.99 -5.66 -8.95
CA GLU C 45 -38.08 -5.25 -8.02
C GLU C 45 -38.39 -3.75 -8.16
N THR C 46 -37.85 -3.06 -9.16
CA THR C 46 -37.99 -1.60 -9.32
C THR C 46 -38.80 -1.32 -10.60
N LYS C 47 -39.94 -0.66 -10.46
CA LYS C 47 -40.71 -0.12 -11.61
C LYS C 47 -40.01 1.15 -12.12
N CYS C 48 -39.73 1.22 -13.43
CA CYS C 48 -39.20 2.43 -14.10
C CYS C 48 -40.19 2.82 -15.21
N THR C 49 -40.71 4.04 -15.19
CA THR C 49 -41.69 4.58 -16.17
C THR C 49 -41.15 5.86 -16.75
N PRO C 50 -40.47 5.81 -17.91
CA PRO C 50 -40.08 7.04 -18.61
C PRO C 50 -41.26 8.02 -18.76
N VAL C 51 -40.95 9.31 -18.77
CA VAL C 51 -41.99 10.38 -18.77
C VAL C 51 -41.35 11.71 -19.19
N ASN C 52 -42.17 12.57 -19.80
CA ASN C 52 -41.85 13.98 -20.08
C ASN C 52 -42.25 14.74 -18.82
N ALA C 53 -41.27 15.31 -18.11
CA ALA C 53 -41.43 16.14 -16.89
C ALA C 53 -41.35 17.60 -17.32
N GLY C 54 -42.49 18.16 -17.72
CA GLY C 54 -42.63 19.53 -18.24
C GLY C 54 -41.55 19.84 -19.26
N GLY C 55 -41.43 19.03 -20.31
CA GLY C 55 -40.43 19.26 -21.37
C GLY C 55 -39.05 18.70 -21.07
N VAL C 56 -38.84 17.99 -19.96
CA VAL C 56 -37.51 17.42 -19.55
C VAL C 56 -37.65 15.90 -19.51
N PRO C 57 -36.83 15.16 -20.29
CA PRO C 57 -36.81 13.69 -20.26
C PRO C 57 -36.54 13.21 -18.82
N ALA C 58 -37.48 12.46 -18.25
CA ALA C 58 -37.41 12.02 -16.85
C ALA C 58 -37.72 10.54 -16.78
N GLU C 59 -37.75 10.00 -15.55
CA GLU C 59 -38.18 8.61 -15.25
C GLU C 59 -38.62 8.52 -13.79
N TRP C 60 -39.89 8.15 -13.59
CA TRP C 60 -40.43 7.56 -12.34
C TRP C 60 -39.65 6.27 -12.01
N ILE C 61 -38.98 6.23 -10.87
CA ILE C 61 -38.24 5.05 -10.33
C ILE C 61 -38.86 4.78 -8.98
N ALA C 62 -39.63 3.70 -8.87
CA ALA C 62 -40.43 3.35 -7.68
C ALA C 62 -39.95 2.00 -7.16
N ALA C 63 -39.45 1.97 -5.92
CA ALA C 63 -39.19 0.72 -5.19
C ALA C 63 -40.54 0.17 -4.75
N PRO C 64 -40.60 -1.13 -4.39
CA PRO C 64 -41.84 -1.75 -3.93
C PRO C 64 -42.34 -0.95 -2.70
N GLY C 65 -43.65 -0.73 -2.58
CA GLY C 65 -44.24 -0.06 -1.41
C GLY C 65 -43.74 1.37 -1.25
N ALA C 66 -43.69 2.08 -2.38
CA ALA C 66 -43.39 3.52 -2.47
C ALA C 66 -44.67 4.25 -2.92
N ALA C 67 -45.00 5.34 -2.25
CA ALA C 67 -46.28 6.05 -2.42
C ALA C 67 -46.17 7.03 -3.60
N ASP C 68 -47.27 7.12 -4.35
CA ASP C 68 -47.44 8.02 -5.52
C ASP C 68 -47.31 9.47 -5.08
N ASP C 69 -47.87 9.80 -3.91
CA ASP C 69 -48.10 11.18 -3.42
C ASP C 69 -46.89 11.69 -2.62
N ARG C 70 -45.84 10.86 -2.44
CA ARG C 70 -44.54 11.18 -1.78
C ARG C 70 -43.41 10.99 -2.79
N VAL C 71 -42.75 12.09 -3.19
CA VAL C 71 -41.83 12.14 -4.37
C VAL C 71 -40.48 12.74 -3.98
N ILE C 72 -39.39 12.07 -4.32
CA ILE C 72 -38.03 12.66 -4.49
C ILE C 72 -37.92 13.15 -5.93
N LEU C 73 -37.59 14.42 -6.13
CA LEU C 73 -37.05 14.90 -7.41
C LEU C 73 -35.53 14.71 -7.39
N TYR C 74 -34.99 13.76 -8.15
CA TYR C 74 -33.55 13.40 -8.03
C TYR C 74 -32.71 13.98 -9.20
N LEU C 75 -31.67 14.70 -8.78
CA LEU C 75 -30.74 15.46 -9.65
C LEU C 75 -29.36 14.83 -9.54
N HIS C 76 -28.95 14.07 -10.56
CA HIS C 76 -27.74 13.22 -10.58
C HIS C 76 -26.45 14.05 -10.72
N GLY C 77 -25.36 13.51 -10.19
CA GLY C 77 -23.98 14.05 -10.31
C GLY C 77 -23.42 13.81 -11.69
N GLY C 78 -22.15 14.17 -11.87
CA GLY C 78 -21.47 14.14 -13.18
C GLY C 78 -20.96 15.51 -13.62
N GLY C 79 -20.66 16.41 -12.68
CA GLY C 79 -19.90 17.64 -12.95
C GLY C 79 -20.60 18.58 -13.93
N TYR C 80 -21.92 18.38 -14.12
CA TYR C 80 -22.79 19.16 -15.04
C TYR C 80 -22.49 18.80 -16.51
N VAL C 81 -21.49 17.94 -16.78
CA VAL C 81 -21.07 17.54 -18.17
C VAL C 81 -21.43 16.07 -18.43
N MET C 82 -21.45 15.19 -17.44
CA MET C 82 -21.70 13.72 -17.61
C MET C 82 -22.85 13.23 -16.73
N GLY C 83 -22.93 11.91 -16.58
CA GLY C 83 -23.88 11.21 -15.71
C GLY C 83 -25.25 11.22 -16.34
N SER C 84 -26.14 10.36 -15.84
CA SER C 84 -27.46 10.14 -16.45
C SER C 84 -28.33 9.33 -15.49
N ILE C 85 -29.60 9.14 -15.84
CA ILE C 85 -30.50 8.23 -15.08
C ILE C 85 -29.88 6.83 -14.99
N THR C 86 -29.17 6.39 -16.03
CA THR C 86 -28.48 5.06 -16.07
C THR C 86 -27.37 5.02 -14.99
N THR C 87 -26.52 6.04 -14.88
CA THR C 87 -25.38 6.06 -13.93
C THR C 87 -25.85 6.01 -12.46
N HIS C 88 -26.99 6.63 -12.14
CA HIS C 88 -27.47 6.87 -10.74
C HIS C 88 -28.67 5.98 -10.40
N ARG C 89 -29.18 5.22 -11.36
CA ARG C 89 -30.50 4.55 -11.23
C ARG C 89 -30.58 3.78 -9.90
N GLU C 90 -29.52 3.06 -9.58
CA GLU C 90 -29.43 2.10 -8.46
C GLU C 90 -29.57 2.91 -7.17
N THR C 91 -28.83 4.00 -7.06
CA THR C 91 -28.84 4.87 -5.86
C THR C 91 -30.25 5.40 -5.69
N ILE C 92 -30.83 5.92 -6.76
CA ILE C 92 -32.22 6.46 -6.78
C ILE C 92 -33.18 5.37 -6.29
N ALA C 93 -33.02 4.16 -6.82
CA ALA C 93 -33.96 3.06 -6.51
C ALA C 93 -33.88 2.79 -5.02
N ARG C 94 -32.68 2.87 -4.44
CA ARG C 94 -32.43 2.53 -3.01
C ARG C 94 -32.98 3.65 -2.14
N LEU C 95 -32.75 4.91 -2.57
CA LEU C 95 -33.37 6.12 -1.97
C LEU C 95 -34.89 5.91 -2.00
N SER C 96 -35.47 5.40 -3.08
CA SER C 96 -36.94 5.22 -3.15
C SER C 96 -37.38 4.24 -2.06
N LYS C 97 -36.70 3.10 -1.97
CA LYS C 97 -37.01 1.96 -1.05
C LYS C 97 -36.91 2.44 0.39
N ALA C 98 -35.77 3.05 0.75
CA ALA C 98 -35.45 3.58 2.10
C ALA C 98 -36.44 4.69 2.50
N SER C 99 -36.95 5.46 1.54
CA SER C 99 -37.77 6.69 1.78
C SER C 99 -39.27 6.36 1.71
N GLY C 100 -39.64 5.21 1.14
CA GLY C 100 -41.04 4.91 0.78
C GLY C 100 -41.59 5.94 -0.20
N ALA C 101 -40.74 6.59 -1.00
CA ALA C 101 -41.17 7.64 -1.94
C ALA C 101 -40.80 7.21 -3.35
N ARG C 102 -41.64 7.54 -4.31
CA ARG C 102 -41.35 7.29 -5.74
C ARG C 102 -40.45 8.46 -6.19
N ALA C 103 -39.34 8.16 -6.84
CA ALA C 103 -38.39 9.19 -7.29
C ALA C 103 -38.81 9.61 -8.70
N LEU C 104 -38.73 10.90 -8.99
CA LEU C 104 -38.64 11.38 -10.38
C LEU C 104 -37.19 11.78 -10.63
N ALA C 105 -36.51 11.01 -11.48
CA ALA C 105 -35.11 11.17 -11.91
C ALA C 105 -35.05 11.95 -13.24
N LEU C 106 -34.22 13.00 -13.32
CA LEU C 106 -34.16 13.94 -14.49
C LEU C 106 -32.89 13.69 -15.29
N ASP C 107 -33.06 13.44 -16.60
CA ASP C 107 -32.00 13.66 -17.62
C ASP C 107 -32.07 15.15 -17.95
N TYR C 108 -31.48 15.96 -17.08
CA TYR C 108 -31.37 17.42 -17.26
C TYR C 108 -30.29 17.62 -18.32
N ARG C 109 -30.37 18.72 -19.05
CA ARG C 109 -29.43 19.02 -20.17
C ARG C 109 -28.01 19.22 -19.58
N LEU C 110 -26.98 18.78 -20.29
CA LEU C 110 -25.59 18.86 -19.80
C LEU C 110 -24.79 19.78 -20.74
N ALA C 111 -23.69 20.37 -20.26
CA ALA C 111 -22.72 21.15 -21.04
C ALA C 111 -21.74 20.19 -21.72
N PRO C 112 -20.99 20.61 -22.78
CA PRO C 112 -21.11 21.93 -23.41
C PRO C 112 -22.29 22.10 -24.38
N GLU C 113 -23.01 21.03 -24.66
CA GLU C 113 -24.20 21.13 -25.53
C GLU C 113 -25.10 22.24 -24.95
N TYR C 114 -25.54 22.09 -23.70
CA TYR C 114 -26.52 22.97 -23.00
C TYR C 114 -25.89 23.53 -21.71
N PRO C 115 -25.11 24.64 -21.80
CA PRO C 115 -24.42 25.19 -20.64
C PRO C 115 -25.36 25.93 -19.68
N PHE C 116 -24.84 26.33 -18.51
CA PHE C 116 -25.55 27.04 -17.42
C PHE C 116 -26.39 28.15 -18.07
N PRO C 117 -27.68 28.37 -17.73
CA PRO C 117 -28.41 27.66 -16.68
C PRO C 117 -29.41 26.57 -17.09
N ALA C 118 -29.18 25.96 -18.26
CA ALA C 118 -30.05 24.92 -18.86
C ALA C 118 -30.47 23.93 -17.76
N ALA C 119 -29.50 23.50 -16.94
CA ALA C 119 -29.67 22.56 -15.80
C ALA C 119 -30.75 23.07 -14.85
N VAL C 120 -30.60 24.32 -14.38
CA VAL C 120 -31.51 24.96 -13.39
C VAL C 120 -32.89 25.11 -14.03
N ASP C 121 -32.87 25.49 -15.31
CA ASP C 121 -34.11 25.72 -16.10
C ASP C 121 -34.89 24.40 -16.15
N ASP C 122 -34.20 23.27 -16.35
CA ASP C 122 -34.84 21.92 -16.37
C ASP C 122 -35.28 21.49 -14.95
N ALA C 123 -34.43 21.64 -13.94
CA ALA C 123 -34.81 21.33 -12.54
C ALA C 123 -36.13 22.02 -12.19
N THR C 124 -36.21 23.35 -12.36
CA THR C 124 -37.35 24.16 -11.83
C THR C 124 -38.58 23.85 -12.67
N ALA C 125 -38.39 23.65 -13.98
CA ALA C 125 -39.43 23.21 -14.95
C ALA C 125 -40.05 21.88 -14.48
N ALA C 126 -39.19 20.91 -14.17
CA ALA C 126 -39.56 19.60 -13.60
C ALA C 126 -40.32 19.77 -12.27
N TYR C 127 -39.88 20.69 -11.41
CA TYR C 127 -40.51 20.85 -10.08
C TYR C 127 -41.94 21.35 -10.30
N ARG C 128 -42.12 22.37 -11.14
CA ARG C 128 -43.44 23.00 -11.40
C ARG C 128 -44.34 21.95 -12.04
N TRP C 129 -43.80 21.15 -12.95
CA TRP C 129 -44.50 19.95 -13.50
C TRP C 129 -45.04 19.10 -12.35
N LEU C 130 -44.19 18.73 -11.40
CA LEU C 130 -44.65 17.91 -10.26
C LEU C 130 -45.88 18.57 -9.66
N LEU C 131 -45.81 19.88 -9.44
CA LEU C 131 -46.85 20.63 -8.68
C LEU C 131 -48.14 20.62 -9.49
N SER C 132 -48.01 20.70 -10.83
CA SER C 132 -49.13 20.67 -11.80
C SER C 132 -49.76 19.28 -11.88
N GLN C 133 -49.07 18.24 -11.39
CA GLN C 133 -49.58 16.83 -11.30
C GLN C 133 -50.27 16.55 -9.96
N ASP C 134 -50.51 17.56 -9.09
CA ASP C 134 -51.23 17.44 -7.79
C ASP C 134 -50.37 16.74 -6.73
N ILE C 135 -49.05 16.82 -6.83
CA ILE C 135 -48.16 16.39 -5.73
C ILE C 135 -47.93 17.65 -4.89
N LYS C 136 -48.41 17.62 -3.67
CA LYS C 136 -48.31 18.76 -2.73
C LYS C 136 -46.83 19.07 -2.51
N PRO C 137 -46.42 20.35 -2.44
CA PRO C 137 -45.02 20.71 -2.17
C PRO C 137 -44.46 20.11 -0.86
N SER C 138 -45.34 19.90 0.13
CA SER C 138 -45.01 19.40 1.50
C SER C 138 -44.67 17.91 1.46
N ARG C 139 -44.89 17.23 0.32
CA ARG C 139 -44.63 15.77 0.14
C ARG C 139 -43.48 15.59 -0.86
N ILE C 140 -42.80 16.67 -1.24
CA ILE C 140 -41.67 16.61 -2.21
C ILE C 140 -40.40 16.92 -1.44
N VAL C 141 -39.32 16.24 -1.79
CA VAL C 141 -37.93 16.58 -1.39
C VAL C 141 -37.14 16.63 -2.69
N VAL C 142 -36.25 17.61 -2.79
CA VAL C 142 -35.37 17.82 -3.95
C VAL C 142 -33.97 17.36 -3.54
N ALA C 143 -33.48 16.26 -4.13
CA ALA C 143 -32.30 15.52 -3.66
C ALA C 143 -31.31 15.36 -4.82
N GLY C 144 -30.03 15.40 -4.55
CA GLY C 144 -29.01 15.42 -5.61
C GLY C 144 -27.62 15.15 -5.06
N ASP C 145 -26.69 14.77 -5.91
CA ASP C 145 -25.33 14.41 -5.48
C ASP C 145 -24.31 15.22 -6.30
N SER C 146 -23.31 15.77 -5.64
CA SER C 146 -22.18 16.48 -6.28
CA SER C 146 -22.18 16.49 -6.27
C SER C 146 -22.71 17.70 -7.07
N ALA C 147 -22.65 17.69 -8.41
CA ALA C 147 -23.18 18.79 -9.25
C ALA C 147 -24.70 18.88 -9.03
N GLY C 148 -25.38 17.74 -9.02
CA GLY C 148 -26.80 17.65 -8.63
C GLY C 148 -27.03 18.18 -7.23
N GLY C 149 -26.06 18.04 -6.32
CA GLY C 149 -26.16 18.59 -4.95
C GLY C 149 -26.25 20.10 -4.98
N GLY C 150 -25.33 20.73 -5.72
CA GLY C 150 -25.37 22.15 -6.10
C GLY C 150 -26.69 22.51 -6.76
N LEU C 151 -27.08 21.74 -7.79
CA LEU C 151 -28.34 21.96 -8.56
C LEU C 151 -29.53 21.99 -7.60
N VAL C 152 -29.48 21.23 -6.50
CA VAL C 152 -30.58 21.26 -5.49
C VAL C 152 -30.63 22.68 -4.92
N LEU C 153 -29.48 23.24 -4.58
CA LEU C 153 -29.39 24.58 -3.92
C LEU C 153 -29.86 25.66 -4.91
N ALA C 154 -29.19 25.81 -6.05
CA ALA C 154 -29.62 26.58 -7.23
C ALA C 154 -31.14 26.47 -7.46
N THR C 155 -31.71 25.27 -7.58
CA THR C 155 -33.18 25.07 -7.82
C THR C 155 -34.03 25.72 -6.71
N LEU C 156 -33.71 25.50 -5.43
CA LEU C 156 -34.54 26.01 -4.31
C LEU C 156 -34.47 27.54 -4.30
N VAL C 157 -33.27 28.11 -4.40
CA VAL C 157 -33.05 29.56 -4.62
C VAL C 157 -33.98 30.06 -5.73
N ALA C 158 -33.80 29.60 -6.98
CA ALA C 158 -34.58 30.01 -8.18
C ALA C 158 -36.08 29.92 -7.87
N LEU C 159 -36.57 28.84 -7.23
CA LEU C 159 -38.02 28.71 -6.94
C LEU C 159 -38.43 29.73 -5.87
N ARG C 160 -37.59 29.99 -4.86
CA ARG C 160 -37.89 30.98 -3.80
C ARG C 160 -38.06 32.37 -4.43
N ASP C 161 -37.07 32.81 -5.22
CA ASP C 161 -37.10 34.02 -6.07
C ASP C 161 -38.42 34.11 -6.86
N ALA C 162 -38.93 33.02 -7.44
CA ALA C 162 -40.12 33.07 -8.35
C ALA C 162 -41.41 32.85 -7.55
N LYS C 163 -41.29 32.77 -6.23
CA LYS C 163 -42.42 32.61 -5.27
C LYS C 163 -43.19 31.32 -5.59
N VAL C 164 -42.52 30.29 -6.10
CA VAL C 164 -43.12 28.93 -6.30
C VAL C 164 -43.15 28.22 -4.95
N PRO C 165 -44.34 27.68 -4.52
CA PRO C 165 -44.45 26.99 -3.24
C PRO C 165 -43.28 26.02 -3.06
N LEU C 166 -42.50 26.17 -1.98
CA LEU C 166 -41.21 25.46 -1.81
C LEU C 166 -41.46 24.07 -1.26
N PRO C 167 -40.56 23.09 -1.52
CA PRO C 167 -40.75 21.72 -1.07
C PRO C 167 -40.46 21.51 0.42
N ALA C 168 -40.76 20.32 0.92
CA ALA C 168 -40.65 19.97 2.34
C ALA C 168 -39.17 20.06 2.75
N ALA C 169 -38.25 19.62 1.89
CA ALA C 169 -36.79 19.71 2.15
C ALA C 169 -35.97 19.64 0.86
N GLY C 170 -34.69 19.93 1.03
CA GLY C 170 -33.61 19.58 0.08
C GLY C 170 -32.68 18.58 0.73
N VAL C 171 -32.23 17.58 -0.02
CA VAL C 171 -31.10 16.74 0.42
C VAL C 171 -29.96 16.93 -0.57
N CYS C 172 -28.76 17.17 -0.03
CA CYS C 172 -27.50 17.33 -0.80
C CYS C 172 -26.50 16.24 -0.38
N ILE C 173 -25.98 15.48 -1.35
CA ILE C 173 -24.92 14.47 -1.12
C ILE C 173 -23.64 15.03 -1.74
N SER C 174 -22.60 15.25 -0.93
CA SER C 174 -21.30 15.77 -1.39
C SER C 174 -21.51 16.95 -2.34
N PRO C 175 -22.36 17.96 -2.03
CA PRO C 175 -22.72 18.96 -3.03
C PRO C 175 -21.49 19.74 -3.50
N TRP C 176 -21.47 20.06 -4.80
CA TRP C 176 -20.48 20.96 -5.44
C TRP C 176 -21.12 22.34 -5.61
N ALA C 177 -20.72 23.31 -4.76
CA ALA C 177 -21.39 24.63 -4.59
C ALA C 177 -20.50 25.81 -5.01
N ASP C 178 -19.19 25.59 -5.16
CA ASP C 178 -18.16 26.63 -5.41
C ASP C 178 -17.39 26.23 -6.68
N MET C 179 -17.72 26.85 -7.82
CA MET C 179 -17.08 26.64 -9.14
C MET C 179 -15.56 26.93 -9.15
N GLU C 180 -14.97 27.63 -8.17
CA GLU C 180 -13.54 28.10 -8.25
C GLU C 180 -12.59 27.29 -7.34
N GLY C 181 -13.10 26.37 -6.52
CA GLY C 181 -12.26 25.47 -5.71
C GLY C 181 -11.46 26.22 -4.66
N THR C 182 -12.15 27.07 -3.89
CA THR C 182 -11.57 28.04 -2.93
C THR C 182 -11.57 27.44 -1.52
N GLY C 183 -12.28 26.32 -1.30
CA GLY C 183 -12.40 25.65 0.01
C GLY C 183 -11.03 25.18 0.50
N ALA C 184 -10.82 25.17 1.81
CA ALA C 184 -9.54 24.74 2.43
C ALA C 184 -9.28 23.27 2.09
N SER C 185 -10.35 22.46 1.95
CA SER C 185 -10.31 20.99 1.78
C SER C 185 -9.78 20.64 0.38
N MET C 186 -9.84 21.59 -0.57
CA MET C 186 -9.20 21.46 -1.90
C MET C 186 -7.69 21.15 -1.76
N THR C 187 -7.12 21.37 -0.56
CA THR C 187 -5.69 21.16 -0.21
C THR C 187 -5.57 20.12 0.90
N THR C 188 -6.37 20.20 1.96
CA THR C 188 -6.23 19.37 3.20
C THR C 188 -6.75 17.93 3.00
N ARG C 189 -7.54 17.72 1.94
CA ARG C 189 -8.21 16.43 1.62
C ARG C 189 -7.74 15.90 0.26
N ALA C 190 -6.84 16.64 -0.38
CA ALA C 190 -6.29 16.32 -1.71
C ALA C 190 -5.66 14.93 -1.67
N LYS C 191 -4.80 14.68 -0.67
CA LYS C 191 -4.17 13.36 -0.40
C LYS C 191 -5.22 12.24 -0.39
N ALA C 192 -6.30 12.45 0.37
CA ALA C 192 -7.30 11.43 0.79
C ALA C 192 -8.40 11.23 -0.27
N ASP C 193 -8.65 12.18 -1.19
CA ASP C 193 -9.73 12.01 -2.20
C ASP C 193 -9.15 11.32 -3.43
N PRO C 194 -9.62 10.09 -3.75
CA PRO C 194 -9.06 9.31 -4.87
C PRO C 194 -9.53 9.76 -6.25
N VAL C 195 -10.44 10.75 -6.32
CA VAL C 195 -11.08 11.10 -7.62
C VAL C 195 -11.24 12.61 -7.78
N VAL C 196 -11.87 13.35 -6.86
CA VAL C 196 -12.19 14.80 -7.12
C VAL C 196 -10.95 15.64 -6.79
N GLN C 197 -10.42 16.37 -7.78
CA GLN C 197 -9.25 17.27 -7.63
C GLN C 197 -9.55 18.64 -8.25
N LYS C 198 -8.91 19.67 -7.71
CA LYS C 198 -9.14 21.09 -8.08
C LYS C 198 -9.02 21.31 -9.59
N GLU C 199 -7.86 20.98 -10.18
CA GLU C 199 -7.59 21.14 -11.63
C GLU C 199 -8.83 20.70 -12.42
N MET C 200 -9.15 19.41 -12.35
CA MET C 200 -10.21 18.78 -13.18
C MET C 200 -11.60 19.34 -12.83
N LEU C 201 -11.81 19.85 -11.60
CA LEU C 201 -13.14 20.36 -11.15
C LEU C 201 -13.38 21.81 -11.64
N VAL C 202 -12.40 22.70 -11.47
CA VAL C 202 -12.45 24.09 -12.04
C VAL C 202 -12.64 23.98 -13.57
N ASN C 203 -12.10 22.95 -14.20
CA ASN C 203 -12.14 22.77 -15.67
C ASN C 203 -13.53 22.27 -16.07
N MET C 204 -14.16 21.34 -15.33
CA MET C 204 -15.58 20.96 -15.59
C MET C 204 -16.49 22.17 -15.35
N GLY C 205 -16.23 22.92 -14.27
CA GLY C 205 -16.87 24.22 -14.00
C GLY C 205 -16.88 25.13 -15.22
N LYS C 206 -15.72 25.36 -15.83
CA LYS C 206 -15.58 26.32 -16.97
C LYS C 206 -16.50 25.91 -18.12
N THR C 207 -16.49 24.62 -18.48
CA THR C 207 -17.42 23.95 -19.44
C THR C 207 -18.89 24.27 -19.11
N TYR C 208 -19.28 24.19 -17.83
CA TYR C 208 -20.67 24.44 -17.36
C TYR C 208 -21.02 25.93 -17.50
N LEU C 209 -20.11 26.81 -17.09
CA LEU C 209 -20.34 28.28 -17.02
C LEU C 209 -20.50 28.86 -18.43
N GLY C 210 -19.78 28.29 -19.41
CA GLY C 210 -19.82 28.69 -20.83
C GLY C 210 -19.54 30.18 -21.00
N GLY C 211 -18.51 30.69 -20.30
CA GLY C 211 -18.11 32.10 -20.25
C GLY C 211 -18.68 32.87 -19.06
N LYS C 212 -19.87 32.52 -18.58
CA LYS C 212 -20.61 33.34 -17.57
C LYS C 212 -19.83 33.35 -16.25
N ASP C 213 -20.21 34.26 -15.33
CA ASP C 213 -19.42 34.60 -14.13
C ASP C 213 -19.38 33.39 -13.17
N ALA C 214 -18.18 33.03 -12.69
CA ALA C 214 -17.89 31.86 -11.83
C ALA C 214 -18.60 31.98 -10.47
N LYS C 215 -18.99 33.19 -10.07
CA LYS C 215 -19.66 33.46 -8.76
C LYS C 215 -21.17 33.61 -8.95
N SER C 216 -21.68 33.42 -10.17
CA SER C 216 -23.13 33.41 -10.50
C SER C 216 -23.82 32.53 -9.46
N PRO C 217 -24.63 33.09 -8.54
CA PRO C 217 -25.37 32.32 -7.53
C PRO C 217 -26.05 31.01 -7.94
N LEU C 218 -26.73 30.94 -9.09
CA LEU C 218 -27.48 29.72 -9.50
C LEU C 218 -26.53 28.64 -10.08
N ALA C 219 -25.26 28.96 -10.35
CA ALA C 219 -24.21 28.00 -10.76
C ALA C 219 -23.36 27.63 -9.54
N ALA C 220 -23.03 28.62 -8.71
CA ALA C 220 -22.13 28.49 -7.55
C ALA C 220 -22.90 28.83 -6.28
N PRO C 221 -23.89 28.00 -5.84
CA PRO C 221 -24.80 28.36 -4.75
C PRO C 221 -24.11 28.70 -3.42
N LEU C 222 -22.80 28.44 -3.29
CA LEU C 222 -22.01 28.96 -2.15
C LEU C 222 -22.32 30.46 -2.00
N HIS C 223 -22.42 31.17 -3.13
CA HIS C 223 -22.60 32.63 -3.21
C HIS C 223 -24.08 32.97 -3.34
N ALA C 224 -24.99 32.02 -3.15
CA ALA C 224 -26.43 32.31 -3.25
C ALA C 224 -26.87 32.95 -1.94
N ASP C 225 -28.10 33.44 -1.95
CA ASP C 225 -28.82 33.90 -0.74
C ASP C 225 -29.71 32.74 -0.32
N PHE C 226 -29.59 32.31 0.94
CA PHE C 226 -30.19 31.06 1.47
C PHE C 226 -31.45 31.32 2.29
N ARG C 227 -31.83 32.58 2.50
CA ARG C 227 -32.94 32.95 3.42
C ARG C 227 -34.28 32.50 2.81
N GLY C 228 -35.14 31.89 3.62
CA GLY C 228 -36.44 31.37 3.15
C GLY C 228 -36.37 29.91 2.69
N LEU C 229 -35.18 29.33 2.52
CA LEU C 229 -35.09 27.95 1.97
C LEU C 229 -35.69 26.95 2.95
N PRO C 230 -36.23 25.83 2.45
CA PRO C 230 -36.73 24.77 3.32
C PRO C 230 -35.53 24.10 3.99
N PRO C 231 -35.82 23.19 4.94
CA PRO C 231 -34.80 22.40 5.62
C PRO C 231 -33.86 21.63 4.68
N LEU C 232 -32.58 21.60 5.06
CA LEU C 232 -31.49 21.02 4.25
C LEU C 232 -30.85 19.87 5.04
N PHE C 233 -30.74 18.71 4.41
CA PHE C 233 -29.92 17.56 4.86
C PHE C 233 -28.71 17.51 3.94
N ILE C 234 -27.51 17.63 4.51
CA ILE C 234 -26.22 17.63 3.77
C ILE C 234 -25.38 16.46 4.31
N GLN C 235 -25.03 15.50 3.44
CA GLN C 235 -24.15 14.36 3.80
C GLN C 235 -22.87 14.54 3.00
N VAL C 236 -21.72 14.39 3.65
CA VAL C 236 -20.42 14.60 2.97
C VAL C 236 -19.40 13.71 3.65
N GLY C 237 -18.38 13.32 2.90
CA GLY C 237 -17.30 12.45 3.38
C GLY C 237 -16.13 13.30 3.81
N ASP C 238 -15.45 12.87 4.85
CA ASP C 238 -14.17 13.48 5.28
C ASP C 238 -13.15 13.39 4.13
N ALA C 239 -13.06 12.25 3.45
CA ALA C 239 -12.07 11.99 2.38
C ALA C 239 -12.56 12.63 1.08
N GLU C 240 -12.77 13.96 1.09
CA GLU C 240 -13.30 14.73 -0.07
C GLU C 240 -12.71 16.14 -0.12
N THR C 241 -12.21 16.55 -1.28
CA THR C 241 -11.81 17.96 -1.54
C THR C 241 -13.06 18.84 -1.39
N LEU C 242 -14.24 18.31 -1.72
CA LEU C 242 -15.54 19.06 -1.72
C LEU C 242 -16.12 19.17 -0.30
N LEU C 243 -15.39 18.70 0.71
CA LEU C 243 -15.84 18.70 2.13
C LEU C 243 -16.30 20.11 2.51
N ASP C 244 -15.48 21.10 2.18
CA ASP C 244 -15.68 22.51 2.61
C ASP C 244 -16.78 23.19 1.79
N ASP C 245 -17.16 22.65 0.63
CA ASP C 245 -18.37 23.15 -0.07
C ASP C 245 -19.57 22.86 0.86
N SER C 246 -19.55 21.73 1.57
CA SER C 246 -20.64 21.31 2.49
C SER C 246 -20.56 22.12 3.78
N THR C 247 -19.38 22.24 4.36
CA THR C 247 -19.18 22.91 5.69
C THR C 247 -19.63 24.38 5.54
N ARG C 248 -19.22 25.03 4.43
CA ARG C 248 -19.45 26.49 4.21
C ARG C 248 -20.93 26.74 3.95
N VAL C 249 -21.55 25.94 3.09
CA VAL C 249 -23.01 26.02 2.78
C VAL C 249 -23.78 25.80 4.08
N ALA C 250 -23.44 24.80 4.88
CA ALA C 250 -24.15 24.49 6.15
C ALA C 250 -24.17 25.74 7.04
N GLU C 251 -22.98 26.29 7.27
CA GLU C 251 -22.72 27.50 8.08
C GLU C 251 -23.53 28.71 7.57
N LYS C 252 -23.48 29.00 6.26
CA LYS C 252 -24.17 30.16 5.60
C LYS C 252 -25.68 29.99 5.72
N ALA C 253 -26.16 28.80 5.43
CA ALA C 253 -27.60 28.45 5.50
C ALA C 253 -28.08 28.66 6.94
N LYS C 254 -27.35 28.14 7.92
CA LYS C 254 -27.70 28.29 9.37
C LYS C 254 -27.86 29.78 9.68
N MET C 255 -26.82 30.56 9.39
CA MET C 255 -26.75 32.02 9.63
C MET C 255 -27.97 32.77 9.04
N ALA C 256 -28.51 32.32 7.89
CA ALA C 256 -29.68 32.91 7.21
C ALA C 256 -31.01 32.26 7.68
N GLY C 257 -30.97 31.49 8.77
CA GLY C 257 -32.17 30.97 9.47
C GLY C 257 -32.70 29.68 8.90
N VAL C 258 -31.93 28.98 8.06
CA VAL C 258 -32.36 27.68 7.47
C VAL C 258 -32.14 26.59 8.53
N LYS C 259 -33.09 25.69 8.69
CA LYS C 259 -32.91 24.43 9.45
C LYS C 259 -32.00 23.49 8.64
N VAL C 260 -30.77 23.28 9.11
CA VAL C 260 -29.73 22.50 8.39
C VAL C 260 -29.28 21.35 9.30
N ASP C 261 -29.20 20.13 8.75
CA ASP C 261 -28.58 18.95 9.40
C ASP C 261 -27.42 18.51 8.52
N LEU C 262 -26.20 18.59 9.04
CA LEU C 262 -24.97 18.25 8.32
C LEU C 262 -24.38 16.97 8.92
N GLU C 263 -24.06 15.94 8.10
CA GLU C 263 -23.25 14.77 8.57
C GLU C 263 -21.91 14.78 7.84
N ILE C 264 -20.79 14.77 8.58
CA ILE C 264 -19.44 14.51 8.00
C ILE C 264 -19.10 13.05 8.32
N TRP C 265 -19.09 12.17 7.31
CA TRP C 265 -18.82 10.73 7.46
C TRP C 265 -17.31 10.50 7.42
N PRO C 266 -16.70 10.04 8.54
CA PRO C 266 -15.27 9.70 8.57
C PRO C 266 -14.89 8.74 7.46
N GLU C 267 -13.78 9.06 6.78
CA GLU C 267 -13.03 8.19 5.83
C GLU C 267 -13.78 7.93 4.53
N MET C 268 -15.01 8.40 4.35
CA MET C 268 -15.80 8.11 3.14
C MET C 268 -15.37 9.06 2.01
N PRO C 269 -15.21 8.58 0.76
CA PRO C 269 -15.01 9.45 -0.39
C PRO C 269 -16.32 9.89 -1.05
N HIS C 270 -16.19 10.62 -2.16
CA HIS C 270 -17.25 11.38 -2.85
C HIS C 270 -18.42 10.45 -3.23
N VAL C 271 -19.63 10.81 -2.84
CA VAL C 271 -20.87 10.08 -3.22
C VAL C 271 -20.63 8.58 -2.99
N TRP C 272 -19.98 8.23 -1.88
CA TRP C 272 -19.80 6.81 -1.45
C TRP C 272 -21.14 6.06 -1.50
N HIS C 273 -22.28 6.77 -1.55
CA HIS C 273 -23.63 6.15 -1.69
C HIS C 273 -23.67 5.19 -2.90
N LEU C 274 -22.89 5.46 -3.95
CA LEU C 274 -22.93 4.70 -5.24
C LEU C 274 -22.43 3.27 -5.02
N PHE C 275 -21.74 3.04 -3.89
CA PHE C 275 -21.12 1.73 -3.54
C PHE C 275 -21.98 0.99 -2.51
N ALA C 276 -23.22 1.45 -2.28
CA ALA C 276 -24.22 0.82 -1.37
C ALA C 276 -24.27 -0.69 -1.56
N PRO C 277 -24.32 -1.21 -2.81
CA PRO C 277 -24.44 -2.66 -3.02
C PRO C 277 -23.47 -3.49 -2.17
N PHE C 278 -22.21 -3.02 -1.99
CA PHE C 278 -21.17 -3.75 -1.20
C PHE C 278 -20.54 -2.94 -0.07
N LEU C 279 -20.79 -1.62 0.05
CA LEU C 279 -20.18 -0.78 1.11
C LEU C 279 -21.23 -0.47 2.16
N PRO C 280 -21.16 -1.08 3.36
CA PRO C 280 -22.19 -0.86 4.38
C PRO C 280 -22.54 0.64 4.55
N GLU C 281 -21.50 1.48 4.64
CA GLU C 281 -21.66 2.93 4.87
C GLU C 281 -22.55 3.55 3.78
N GLY C 282 -22.37 3.17 2.52
CA GLY C 282 -23.20 3.66 1.41
C GLY C 282 -24.66 3.39 1.68
N GLN C 283 -25.00 2.22 2.21
CA GLN C 283 -26.41 1.83 2.51
C GLN C 283 -26.87 2.53 3.80
N GLN C 284 -25.97 2.69 4.78
CA GLN C 284 -26.26 3.42 6.05
C GLN C 284 -26.67 4.85 5.68
N ALA C 285 -25.92 5.53 4.82
CA ALA C 285 -26.22 6.92 4.39
C ALA C 285 -27.55 6.92 3.64
N ILE C 286 -27.81 5.97 2.75
CA ILE C 286 -29.09 5.96 1.97
C ILE C 286 -30.26 5.79 2.95
N ASP C 287 -30.14 4.87 3.89
CA ASP C 287 -31.14 4.66 4.97
C ASP C 287 -31.39 5.97 5.75
N LYS C 288 -30.35 6.74 6.10
CA LYS C 288 -30.53 8.00 6.88
C LYS C 288 -31.36 9.00 6.04
N ILE C 289 -30.94 9.22 4.79
CA ILE C 289 -31.68 10.06 3.81
C ILE C 289 -33.11 9.58 3.78
N GLY C 290 -33.29 8.28 3.63
CA GLY C 290 -34.60 7.59 3.77
C GLY C 290 -35.39 8.07 4.97
N GLN C 291 -34.80 8.02 6.17
CA GLN C 291 -35.53 8.35 7.43
C GLN C 291 -35.91 9.84 7.40
N TYR C 292 -35.04 10.69 6.84
CA TYR C 292 -35.18 12.17 6.80
C TYR C 292 -36.32 12.54 5.85
N VAL C 293 -36.43 11.88 4.70
CA VAL C 293 -37.51 12.18 3.72
C VAL C 293 -38.85 11.84 4.41
N LYS C 294 -38.95 10.68 5.05
CA LYS C 294 -40.17 10.27 5.81
C LYS C 294 -40.57 11.33 6.82
N GLN C 295 -39.64 11.78 7.67
CA GLN C 295 -40.00 12.69 8.79
C GLN C 295 -40.32 14.07 8.20
N ARG C 296 -39.80 14.46 7.03
CA ARG C 296 -40.06 15.81 6.46
C ARG C 296 -41.38 15.85 5.67
N THR C 297 -41.92 14.70 5.28
CA THR C 297 -43.08 14.63 4.36
C THR C 297 -44.29 13.97 5.06
N ALA C 298 -44.30 13.88 6.40
CA ALA C 298 -45.25 13.04 7.18
C ALA C 298 -46.59 13.77 7.43
N ALA D 2 -19.00 -5.60 -16.99
CA ALA D 2 -17.92 -6.64 -16.95
C ALA D 2 -16.67 -6.07 -16.27
N SER D 3 -15.89 -5.22 -16.95
CA SER D 3 -14.40 -5.16 -16.84
C SER D 3 -13.90 -4.22 -15.74
N PRO D 4 -14.47 -3.02 -15.50
CA PRO D 4 -14.05 -2.19 -14.38
C PRO D 4 -14.54 -2.85 -13.08
N GLN D 5 -15.79 -3.38 -13.14
CA GLN D 5 -16.41 -4.25 -12.11
C GLN D 5 -15.50 -5.47 -11.86
N LEU D 6 -15.01 -6.12 -12.94
CA LEU D 6 -14.11 -7.31 -12.85
C LEU D 6 -12.75 -6.88 -12.30
N GLN D 7 -12.27 -5.69 -12.66
CA GLN D 7 -10.95 -5.18 -12.18
C GLN D 7 -11.03 -4.95 -10.66
N MET D 8 -12.15 -4.39 -10.16
CA MET D 8 -12.41 -4.23 -8.70
C MET D 8 -12.31 -5.58 -8.00
N ALA D 9 -12.96 -6.62 -8.55
CA ALA D 9 -13.01 -8.00 -8.01
C ALA D 9 -11.60 -8.56 -7.86
N LEU D 10 -10.76 -8.42 -8.90
CA LEU D 10 -9.34 -8.90 -8.93
C LEU D 10 -8.50 -8.14 -7.89
N ASP D 11 -8.58 -6.81 -7.84
CA ASP D 11 -7.88 -6.00 -6.81
C ASP D 11 -8.35 -6.50 -5.45
N GLY D 12 -9.65 -6.81 -5.33
CA GLY D 12 -10.25 -7.34 -4.10
C GLY D 12 -9.49 -8.56 -3.63
N PHE D 13 -9.29 -9.51 -4.54
CA PHE D 13 -8.60 -10.79 -4.24
C PHE D 13 -7.13 -10.49 -3.95
N LYS D 14 -6.51 -9.56 -4.70
CA LYS D 14 -5.07 -9.19 -4.54
C LYS D 14 -4.79 -8.77 -3.10
N MET D 15 -5.66 -7.97 -2.48
CA MET D 15 -5.47 -7.49 -1.08
C MET D 15 -5.72 -8.65 -0.12
N MET D 16 -6.82 -9.39 -0.29
CA MET D 16 -7.13 -10.58 0.55
C MET D 16 -5.95 -11.55 0.48
N GLY D 17 -5.52 -11.89 -0.74
CA GLY D 17 -4.39 -12.81 -1.02
C GLY D 17 -3.12 -12.35 -0.32
N GLU D 18 -2.94 -11.03 -0.22
CA GLU D 18 -1.78 -10.37 0.45
C GLU D 18 -1.89 -10.52 1.97
N LYS D 19 -3.06 -10.27 2.55
CA LYS D 19 -3.29 -10.49 4.00
C LYS D 19 -3.17 -11.99 4.33
N MET D 20 -3.58 -12.89 3.42
CA MET D 20 -3.49 -14.37 3.58
C MET D 20 -2.03 -14.74 3.84
N ALA D 21 -1.14 -14.34 2.93
CA ALA D 21 0.33 -14.58 2.98
C ALA D 21 0.90 -14.00 4.30
N GLN D 22 0.62 -12.73 4.63
CA GLN D 22 1.17 -12.03 5.84
C GLN D 22 0.56 -12.59 7.12
N ALA D 23 -0.65 -13.18 7.04
CA ALA D 23 -1.24 -13.95 8.15
C ALA D 23 -0.32 -15.14 8.42
N GLY D 24 0.27 -15.69 7.36
CA GLY D 24 1.22 -16.82 7.40
C GLY D 24 0.50 -18.13 7.71
N GLY D 25 1.15 -19.00 8.49
CA GLY D 25 0.56 -20.25 8.99
C GLY D 25 -0.64 -19.99 9.89
N ASP D 26 -0.56 -18.93 10.73
CA ASP D 26 -1.45 -18.61 11.89
C ASP D 26 -2.94 -18.66 11.54
N VAL D 27 -3.67 -19.68 12.02
CA VAL D 27 -5.04 -20.04 11.55
C VAL D 27 -6.07 -19.00 12.01
N LYS D 28 -5.93 -18.40 13.19
CA LYS D 28 -6.87 -17.39 13.73
C LYS D 28 -6.89 -16.15 12.83
N ALA D 29 -5.71 -15.70 12.39
CA ALA D 29 -5.51 -14.54 11.50
C ALA D 29 -6.26 -14.79 10.19
N MET D 30 -5.90 -15.87 9.49
CA MET D 30 -6.52 -16.32 8.21
C MET D 30 -8.05 -16.23 8.32
N ARG D 31 -8.64 -16.82 9.36
CA ARG D 31 -10.11 -16.86 9.54
C ARG D 31 -10.66 -15.44 9.70
N ALA D 32 -9.83 -14.51 10.21
CA ALA D 32 -10.17 -13.07 10.36
C ALA D 32 -10.18 -12.42 8.98
N VAL D 33 -9.18 -12.73 8.13
CA VAL D 33 -9.02 -12.16 6.75
C VAL D 33 -10.28 -12.44 5.93
N MET D 34 -10.80 -13.67 6.01
CA MET D 34 -12.02 -14.07 5.29
C MET D 34 -13.25 -13.39 5.93
N GLU D 35 -13.34 -13.39 7.26
CA GLU D 35 -14.48 -12.77 8.01
C GLU D 35 -14.59 -11.27 7.74
N GLU D 36 -13.46 -10.55 7.84
CA GLU D 36 -13.27 -9.12 7.44
C GLU D 36 -14.09 -8.87 6.17
N MET D 37 -13.87 -9.70 5.14
CA MET D 37 -14.34 -9.45 3.74
C MET D 37 -15.83 -9.79 3.56
N ALA D 38 -16.45 -10.52 4.46
CA ALA D 38 -17.88 -10.94 4.33
C ALA D 38 -18.81 -9.77 4.70
N THR D 39 -19.71 -9.39 3.79
CA THR D 39 -20.90 -8.58 4.11
C THR D 39 -22.14 -9.41 3.75
N PHE D 40 -23.30 -9.03 4.28
CA PHE D 40 -24.57 -9.73 4.04
C PHE D 40 -25.63 -8.73 3.62
N PRO D 41 -25.41 -7.96 2.53
CA PRO D 41 -26.36 -6.94 2.07
C PRO D 41 -27.79 -7.39 1.74
N SER D 42 -28.08 -8.69 1.59
CA SER D 42 -29.44 -9.21 1.32
C SER D 42 -30.16 -9.57 2.64
N ALA D 43 -29.56 -9.30 3.80
CA ALA D 43 -30.06 -9.73 5.12
C ALA D 43 -31.54 -9.35 5.32
N GLY D 44 -31.87 -8.10 5.05
CA GLY D 44 -33.18 -7.51 5.36
C GLY D 44 -34.32 -8.31 4.78
N GLU D 45 -34.20 -8.83 3.55
CA GLU D 45 -35.27 -9.56 2.81
C GLU D 45 -35.07 -11.08 2.88
N THR D 46 -34.02 -11.56 3.58
CA THR D 46 -33.63 -12.99 3.74
C THR D 46 -33.91 -13.48 5.17
N LYS D 47 -34.65 -14.58 5.29
CA LYS D 47 -34.98 -15.25 6.57
C LYS D 47 -33.90 -16.29 6.90
N CYS D 48 -33.19 -16.14 8.03
CA CYS D 48 -32.13 -17.06 8.55
C CYS D 48 -32.59 -17.70 9.87
N THR D 49 -32.61 -19.05 9.94
CA THR D 49 -33.09 -19.88 11.10
C THR D 49 -32.00 -20.88 11.48
N PRO D 50 -31.10 -20.54 12.42
CA PRO D 50 -30.13 -21.50 12.95
C PRO D 50 -30.80 -22.82 13.38
N VAL D 51 -30.07 -23.91 13.22
CA VAL D 51 -30.60 -25.29 13.41
C VAL D 51 -29.43 -26.24 13.57
N ASN D 52 -29.66 -27.28 14.37
CA ASN D 52 -28.78 -28.46 14.53
C ASN D 52 -29.20 -29.47 13.44
N ALA D 53 -28.32 -29.70 12.46
CA ALA D 53 -28.56 -30.59 11.30
C ALA D 53 -27.90 -31.96 11.56
N GLY D 54 -28.63 -32.88 12.20
CA GLY D 54 -28.09 -34.18 12.67
C GLY D 54 -26.77 -33.99 13.42
N GLY D 55 -26.73 -33.03 14.35
CA GLY D 55 -25.54 -32.74 15.19
C GLY D 55 -24.47 -31.92 14.48
N VAL D 56 -24.79 -31.26 13.37
CA VAL D 56 -23.86 -30.31 12.69
C VAL D 56 -24.50 -28.92 12.78
N PRO D 57 -23.77 -27.91 13.29
CA PRO D 57 -24.30 -26.54 13.36
C PRO D 57 -24.60 -25.98 11.94
N ALA D 58 -25.82 -25.47 11.76
CA ALA D 58 -26.34 -25.12 10.43
C ALA D 58 -27.32 -23.95 10.52
N GLU D 59 -27.78 -23.49 9.35
CA GLU D 59 -28.76 -22.38 9.21
C GLU D 59 -29.60 -22.54 7.94
N TRP D 60 -30.92 -22.58 8.09
CA TRP D 60 -31.88 -22.33 7.00
C TRP D 60 -31.69 -20.89 6.52
N ILE D 61 -31.49 -20.72 5.22
CA ILE D 61 -31.38 -19.41 4.54
C ILE D 61 -32.37 -19.47 3.40
N ALA D 62 -33.45 -18.69 3.53
CA ALA D 62 -34.59 -18.66 2.60
C ALA D 62 -34.79 -17.23 2.08
N ALA D 63 -34.49 -17.03 0.80
CA ALA D 63 -34.89 -15.87 -0.01
C ALA D 63 -36.41 -15.89 -0.15
N PRO D 64 -37.07 -14.74 -0.39
CA PRO D 64 -38.54 -14.74 -0.43
C PRO D 64 -39.04 -15.66 -1.55
N GLY D 65 -40.15 -16.38 -1.30
CA GLY D 65 -40.75 -17.36 -2.24
C GLY D 65 -39.84 -18.56 -2.50
N ALA D 66 -39.10 -19.01 -1.48
CA ALA D 66 -38.27 -20.22 -1.51
C ALA D 66 -39.11 -21.35 -0.89
N ALA D 67 -39.33 -22.44 -1.62
CA ALA D 67 -40.19 -23.55 -1.18
C ALA D 67 -39.46 -24.30 -0.07
N ASP D 68 -40.18 -24.80 0.93
CA ASP D 68 -39.65 -25.58 2.09
C ASP D 68 -39.17 -26.94 1.58
N ASP D 69 -39.81 -27.48 0.53
CA ASP D 69 -39.60 -28.88 0.05
C ASP D 69 -38.67 -28.93 -1.17
N ARG D 70 -37.97 -27.83 -1.50
CA ARG D 70 -36.82 -27.81 -2.43
C ARG D 70 -35.60 -27.25 -1.68
N VAL D 71 -34.46 -27.96 -1.66
CA VAL D 71 -33.35 -27.63 -0.71
C VAL D 71 -31.95 -27.71 -1.37
N ILE D 72 -31.14 -26.66 -1.20
CA ILE D 72 -29.66 -26.68 -1.44
C ILE D 72 -28.92 -26.95 -0.11
N LEU D 73 -28.35 -28.14 0.08
CA LEU D 73 -27.32 -28.38 1.13
C LEU D 73 -26.04 -27.66 0.69
N TYR D 74 -25.69 -26.51 1.28
CA TYR D 74 -24.56 -25.65 0.80
C TYR D 74 -23.31 -25.83 1.67
N LEU D 75 -22.17 -26.00 0.99
CA LEU D 75 -20.85 -26.38 1.57
C LEU D 75 -19.81 -25.31 1.22
N HIS D 76 -19.49 -24.44 2.17
CA HIS D 76 -18.74 -23.18 1.90
C HIS D 76 -17.28 -23.50 1.61
N GLY D 77 -16.60 -22.59 0.91
CA GLY D 77 -15.18 -22.73 0.59
C GLY D 77 -14.30 -22.28 1.74
N GLY D 78 -12.99 -22.26 1.49
CA GLY D 78 -11.97 -21.82 2.47
C GLY D 78 -10.97 -22.93 2.83
N GLY D 79 -10.49 -23.69 1.84
CA GLY D 79 -9.32 -24.60 1.98
C GLY D 79 -9.46 -25.69 3.05
N TYR D 80 -10.67 -25.91 3.59
CA TYR D 80 -11.02 -26.92 4.61
C TYR D 80 -10.53 -26.44 6.00
N VAL D 81 -9.94 -25.24 6.08
CA VAL D 81 -9.37 -24.66 7.34
C VAL D 81 -10.22 -23.48 7.84
N MET D 82 -10.89 -22.73 6.95
CA MET D 82 -11.58 -21.48 7.34
C MET D 82 -12.89 -21.36 6.57
N GLY D 83 -13.50 -20.17 6.55
CA GLY D 83 -14.84 -19.93 5.97
C GLY D 83 -15.91 -20.32 6.96
N SER D 84 -17.15 -19.95 6.69
CA SER D 84 -18.25 -20.03 7.69
C SER D 84 -19.57 -19.70 7.00
N ILE D 85 -20.66 -19.90 7.74
CA ILE D 85 -22.00 -19.50 7.24
C ILE D 85 -21.93 -18.00 6.97
N THR D 86 -21.24 -17.25 7.85
CA THR D 86 -21.00 -15.78 7.75
C THR D 86 -20.26 -15.45 6.43
N THR D 87 -19.20 -16.15 6.05
CA THR D 87 -18.43 -15.78 4.82
C THR D 87 -19.30 -15.97 3.55
N HIS D 88 -20.27 -16.90 3.57
CA HIS D 88 -20.96 -17.40 2.34
C HIS D 88 -22.45 -17.04 2.33
N ARG D 89 -22.91 -16.31 3.36
CA ARG D 89 -24.36 -16.05 3.59
C ARG D 89 -24.99 -15.30 2.40
N GLU D 90 -24.31 -14.28 1.89
CA GLU D 90 -24.77 -13.47 0.74
C GLU D 90 -24.89 -14.43 -0.45
N THR D 91 -23.82 -15.16 -0.79
CA THR D 91 -23.83 -16.12 -1.95
C THR D 91 -24.98 -17.14 -1.80
N ILE D 92 -25.19 -17.71 -0.62
CA ILE D 92 -26.22 -18.74 -0.37
C ILE D 92 -27.60 -18.11 -0.57
N ALA D 93 -27.83 -16.92 -0.01
CA ALA D 93 -29.10 -16.17 -0.08
C ALA D 93 -29.51 -15.95 -1.55
N ARG D 94 -28.54 -15.60 -2.41
CA ARG D 94 -28.77 -15.33 -3.86
C ARG D 94 -29.04 -16.65 -4.60
N LEU D 95 -28.37 -17.73 -4.22
CA LEU D 95 -28.64 -19.09 -4.76
C LEU D 95 -30.08 -19.47 -4.38
N SER D 96 -30.49 -19.18 -3.14
CA SER D 96 -31.86 -19.51 -2.69
C SER D 96 -32.87 -18.72 -3.55
N LYS D 97 -32.67 -17.40 -3.68
CA LYS D 97 -33.51 -16.49 -4.51
C LYS D 97 -33.59 -17.02 -5.95
N ALA D 98 -32.43 -17.18 -6.59
CA ALA D 98 -32.27 -17.61 -8.00
C ALA D 98 -32.81 -19.03 -8.24
N SER D 99 -33.05 -19.83 -7.20
CA SER D 99 -33.46 -21.25 -7.36
C SER D 99 -34.85 -21.54 -6.74
N GLY D 100 -35.50 -20.54 -6.13
CA GLY D 100 -36.71 -20.76 -5.31
C GLY D 100 -36.51 -21.90 -4.31
N ALA D 101 -35.28 -22.19 -3.87
CA ALA D 101 -35.04 -23.27 -2.88
C ALA D 101 -34.47 -22.68 -1.59
N ARG D 102 -34.95 -23.18 -0.46
CA ARG D 102 -34.32 -22.88 0.84
C ARG D 102 -33.00 -23.65 0.89
N ALA D 103 -31.99 -23.05 1.49
CA ALA D 103 -30.64 -23.61 1.63
C ALA D 103 -30.42 -24.01 3.09
N LEU D 104 -29.74 -25.12 3.29
CA LEU D 104 -29.16 -25.52 4.58
C LEU D 104 -27.65 -25.25 4.49
N ALA D 105 -27.21 -24.12 5.05
CA ALA D 105 -25.77 -23.76 5.13
C ALA D 105 -25.14 -24.51 6.31
N LEU D 106 -24.08 -25.27 6.05
CA LEU D 106 -23.36 -26.06 7.09
C LEU D 106 -22.17 -25.26 7.61
N ASP D 107 -22.04 -25.15 8.94
CA ASP D 107 -20.75 -24.83 9.64
C ASP D 107 -20.06 -26.15 9.95
N TYR D 108 -19.49 -26.78 8.92
CA TYR D 108 -18.86 -28.12 9.04
C TYR D 108 -17.59 -27.94 9.83
N ARG D 109 -17.15 -28.97 10.55
CA ARG D 109 -15.95 -28.89 11.44
C ARG D 109 -14.76 -28.56 10.54
N LEU D 110 -13.73 -27.89 11.06
CA LEU D 110 -12.58 -27.39 10.25
C LEU D 110 -11.23 -27.90 10.79
N ALA D 111 -10.27 -28.05 9.88
CA ALA D 111 -8.85 -28.32 10.16
C ALA D 111 -8.22 -27.03 10.68
N PRO D 112 -7.12 -27.10 11.47
CA PRO D 112 -6.49 -28.36 11.90
C PRO D 112 -7.16 -29.03 13.12
N GLU D 113 -8.02 -28.31 13.85
CA GLU D 113 -8.71 -28.84 15.05
C GLU D 113 -9.40 -30.16 14.74
N TYR D 114 -10.02 -30.29 13.56
CA TYR D 114 -10.78 -31.48 13.12
C TYR D 114 -10.43 -31.86 11.69
N PRO D 115 -9.32 -32.59 11.45
CA PRO D 115 -8.86 -32.85 10.09
C PRO D 115 -9.72 -33.89 9.33
N PHE D 116 -9.33 -34.19 8.10
CA PHE D 116 -10.01 -35.19 7.23
C PHE D 116 -10.20 -36.45 8.06
N PRO D 117 -11.39 -37.08 8.10
CA PRO D 117 -12.55 -36.73 7.28
C PRO D 117 -13.77 -36.10 7.97
N ALA D 118 -13.55 -35.29 9.00
CA ALA D 118 -14.58 -34.58 9.80
C ALA D 118 -15.60 -33.90 8.87
N ALA D 119 -15.14 -33.04 7.96
CA ALA D 119 -15.99 -32.32 6.96
C ALA D 119 -16.99 -33.27 6.28
N VAL D 120 -16.50 -34.44 5.82
CA VAL D 120 -17.28 -35.41 5.00
C VAL D 120 -18.35 -36.05 5.89
N ASP D 121 -18.01 -36.29 7.16
CA ASP D 121 -18.94 -36.92 8.12
C ASP D 121 -20.06 -35.92 8.42
N ASP D 122 -19.71 -34.64 8.55
CA ASP D 122 -20.68 -33.55 8.79
C ASP D 122 -21.63 -33.45 7.59
N ALA D 123 -21.08 -33.32 6.38
CA ALA D 123 -21.87 -33.25 5.13
C ALA D 123 -22.87 -34.42 5.04
N THR D 124 -22.40 -35.66 5.28
CA THR D 124 -23.25 -36.86 5.09
C THR D 124 -24.33 -36.87 6.18
N ALA D 125 -23.96 -36.56 7.42
CA ALA D 125 -24.86 -36.49 8.60
C ALA D 125 -25.94 -35.45 8.35
N ALA D 126 -25.54 -34.29 7.82
CA ALA D 126 -26.45 -33.20 7.43
C ALA D 126 -27.42 -33.68 6.34
N TYR D 127 -26.89 -34.32 5.29
CA TYR D 127 -27.73 -34.93 4.24
C TYR D 127 -28.70 -35.93 4.88
N ARG D 128 -28.22 -36.95 5.59
CA ARG D 128 -29.12 -37.97 6.20
C ARG D 128 -30.21 -37.24 7.00
N TRP D 129 -29.81 -36.26 7.82
CA TRP D 129 -30.73 -35.39 8.59
C TRP D 129 -31.83 -34.87 7.66
N LEU D 130 -31.47 -34.20 6.56
CA LEU D 130 -32.44 -33.59 5.62
C LEU D 130 -33.50 -34.64 5.26
N LEU D 131 -33.07 -35.89 5.03
CA LEU D 131 -33.95 -37.00 4.63
C LEU D 131 -34.89 -37.31 5.79
N SER D 132 -34.32 -37.39 7.00
CA SER D 132 -35.08 -37.71 8.24
C SER D 132 -36.18 -36.66 8.45
N GLN D 133 -36.10 -35.49 7.81
CA GLN D 133 -37.12 -34.40 7.86
C GLN D 133 -38.08 -34.49 6.68
N ASP D 134 -38.19 -35.66 6.04
CA ASP D 134 -39.17 -35.96 4.96
C ASP D 134 -38.93 -35.08 3.73
N ILE D 135 -37.72 -34.53 3.55
CA ILE D 135 -37.30 -33.86 2.28
C ILE D 135 -36.79 -34.93 1.32
N LYS D 136 -37.33 -34.98 0.10
CA LYS D 136 -37.01 -36.06 -0.88
C LYS D 136 -35.64 -35.78 -1.50
N PRO D 137 -34.84 -36.83 -1.79
CA PRO D 137 -33.54 -36.70 -2.46
C PRO D 137 -33.65 -36.02 -3.84
N SER D 138 -34.77 -36.24 -4.54
CA SER D 138 -35.10 -35.72 -5.90
C SER D 138 -35.36 -34.21 -5.85
N ARG D 139 -35.55 -33.66 -4.65
CA ARG D 139 -35.82 -32.21 -4.41
C ARG D 139 -34.61 -31.56 -3.71
N ILE D 140 -33.51 -32.29 -3.51
CA ILE D 140 -32.26 -31.77 -2.90
C ILE D 140 -31.21 -31.59 -3.98
N VAL D 141 -30.40 -30.53 -3.90
CA VAL D 141 -29.12 -30.37 -4.64
C VAL D 141 -28.03 -30.15 -3.61
N VAL D 142 -26.84 -30.70 -3.84
CA VAL D 142 -25.69 -30.58 -2.91
C VAL D 142 -24.62 -29.71 -3.60
N ALA D 143 -24.47 -28.50 -3.10
CA ALA D 143 -23.80 -27.36 -3.76
C ALA D 143 -22.69 -26.85 -2.83
N GLY D 144 -21.61 -26.31 -3.38
CA GLY D 144 -20.46 -25.90 -2.56
C GLY D 144 -19.36 -25.33 -3.42
N ASP D 145 -18.48 -24.50 -2.85
CA ASP D 145 -17.45 -23.75 -3.62
C ASP D 145 -16.03 -24.10 -3.13
N SER D 146 -15.08 -24.16 -4.06
CA SER D 146 -13.65 -24.44 -3.76
CA SER D 146 -13.65 -24.43 -3.76
C SER D 146 -13.53 -25.71 -2.91
N ALA D 147 -13.12 -25.61 -1.65
CA ALA D 147 -13.02 -26.77 -0.75
C ALA D 147 -14.40 -27.43 -0.64
N GLY D 148 -15.46 -26.64 -0.49
CA GLY D 148 -16.85 -27.16 -0.48
C GLY D 148 -17.27 -27.78 -1.81
N GLY D 149 -16.59 -27.41 -2.91
CA GLY D 149 -16.79 -27.98 -4.25
C GLY D 149 -16.27 -29.39 -4.30
N GLY D 150 -15.02 -29.58 -3.88
CA GLY D 150 -14.45 -30.87 -3.43
C GLY D 150 -15.42 -31.65 -2.57
N LEU D 151 -15.86 -31.04 -1.46
CA LEU D 151 -16.66 -31.75 -0.41
C LEU D 151 -17.98 -32.24 -0.99
N VAL D 152 -18.59 -31.50 -1.91
CA VAL D 152 -19.82 -31.96 -2.64
C VAL D 152 -19.54 -33.34 -3.25
N LEU D 153 -18.37 -33.50 -3.90
CA LEU D 153 -18.02 -34.73 -4.67
C LEU D 153 -17.82 -35.86 -3.65
N ALA D 154 -16.83 -35.70 -2.76
CA ALA D 154 -16.67 -36.51 -1.53
C ALA D 154 -18.02 -36.95 -0.96
N THR D 155 -18.92 -36.01 -0.68
CA THR D 155 -20.23 -36.31 -0.05
C THR D 155 -21.01 -37.30 -0.93
N LEU D 156 -21.10 -37.03 -2.23
CA LEU D 156 -21.94 -37.86 -3.12
C LEU D 156 -21.34 -39.26 -3.25
N VAL D 157 -20.02 -39.34 -3.38
CA VAL D 157 -19.21 -40.59 -3.25
C VAL D 157 -19.62 -41.28 -1.95
N ALA D 158 -19.26 -40.73 -0.77
CA ALA D 158 -19.54 -41.33 0.56
C ALA D 158 -20.98 -41.88 0.57
N LEU D 159 -21.91 -41.16 -0.04
CA LEU D 159 -23.37 -41.47 0.08
C LEU D 159 -23.65 -42.72 -0.75
N ARG D 160 -23.22 -42.72 -2.00
CA ARG D 160 -23.44 -43.86 -2.93
C ARG D 160 -22.86 -45.13 -2.29
N ASP D 161 -21.58 -45.13 -1.87
CA ASP D 161 -20.92 -46.22 -1.11
C ASP D 161 -21.82 -46.74 0.01
N ALA D 162 -22.48 -45.85 0.76
CA ALA D 162 -23.34 -46.17 1.92
C ALA D 162 -24.79 -46.51 1.50
N LYS D 163 -25.12 -46.42 0.20
CA LYS D 163 -26.44 -46.82 -0.38
C LYS D 163 -27.57 -45.96 0.18
N VAL D 164 -27.22 -44.74 0.61
CA VAL D 164 -28.19 -43.67 0.99
C VAL D 164 -28.74 -43.12 -0.32
N PRO D 165 -30.07 -42.99 -0.48
CA PRO D 165 -30.63 -42.40 -1.69
C PRO D 165 -29.93 -41.07 -2.04
N LEU D 166 -29.38 -40.98 -3.25
CA LEU D 166 -28.62 -39.80 -3.73
C LEU D 166 -29.54 -38.65 -4.14
N PRO D 167 -29.03 -37.40 -4.05
CA PRO D 167 -29.82 -36.22 -4.36
C PRO D 167 -30.06 -36.05 -5.88
N ALA D 168 -30.81 -35.03 -6.25
CA ALA D 168 -31.19 -34.73 -7.65
C ALA D 168 -29.96 -34.25 -8.45
N ALA D 169 -28.96 -33.61 -7.84
CA ALA D 169 -27.71 -33.19 -8.52
C ALA D 169 -26.69 -32.66 -7.51
N GLY D 170 -25.45 -32.49 -7.99
CA GLY D 170 -24.34 -31.82 -7.29
C GLY D 170 -23.96 -30.55 -8.05
N VAL D 171 -23.77 -29.42 -7.35
CA VAL D 171 -23.19 -28.20 -7.97
C VAL D 171 -21.82 -27.91 -7.34
N CYS D 172 -20.80 -27.79 -8.19
CA CYS D 172 -19.41 -27.47 -7.77
C CYS D 172 -19.01 -26.17 -8.44
N ILE D 173 -18.68 -25.17 -7.62
CA ILE D 173 -18.12 -23.86 -8.04
C ILE D 173 -16.63 -23.94 -7.76
N SER D 174 -15.79 -23.70 -8.76
CA SER D 174 -14.31 -23.72 -8.62
C SER D 174 -13.86 -24.82 -7.65
N PRO D 175 -14.31 -26.08 -7.83
CA PRO D 175 -14.07 -27.10 -6.82
C PRO D 175 -12.58 -27.42 -6.71
N TRP D 176 -12.13 -27.73 -5.49
CA TRP D 176 -10.75 -28.17 -5.17
C TRP D 176 -10.76 -29.70 -4.99
N ALA D 177 -10.34 -30.44 -6.03
CA ALA D 177 -10.48 -31.91 -6.12
C ALA D 177 -9.12 -32.61 -5.89
N ASP D 178 -8.01 -31.89 -6.07
CA ASP D 178 -6.64 -32.45 -6.17
C ASP D 178 -5.74 -31.81 -5.08
N MET D 179 -5.42 -32.56 -4.02
CA MET D 179 -4.68 -32.05 -2.83
C MET D 179 -3.21 -31.69 -3.16
N GLU D 180 -2.66 -32.18 -4.28
CA GLU D 180 -1.20 -32.10 -4.62
C GLU D 180 -0.95 -30.96 -5.63
N GLY D 181 -1.97 -30.54 -6.37
CA GLY D 181 -1.86 -29.48 -7.39
C GLY D 181 -1.01 -29.94 -8.55
N THR D 182 -1.54 -30.87 -9.34
CA THR D 182 -0.84 -31.52 -10.48
C THR D 182 -1.44 -31.06 -11.82
N GLY D 183 -2.47 -30.19 -11.82
CA GLY D 183 -3.10 -29.63 -13.04
C GLY D 183 -2.14 -28.72 -13.80
N ALA D 184 -2.32 -28.61 -15.13
CA ALA D 184 -1.49 -27.78 -16.02
C ALA D 184 -1.71 -26.29 -15.72
N SER D 185 -2.93 -25.94 -15.30
CA SER D 185 -3.38 -24.57 -14.94
C SER D 185 -2.64 -24.03 -13.70
N MET D 186 -2.01 -24.88 -12.89
CA MET D 186 -1.23 -24.42 -11.71
C MET D 186 0.00 -23.64 -12.21
N THR D 187 0.41 -23.86 -13.47
CA THR D 187 1.44 -23.07 -14.20
C THR D 187 0.77 -22.09 -15.17
N THR D 188 -0.11 -22.58 -16.06
CA THR D 188 -0.61 -21.83 -17.25
C THR D 188 -1.48 -20.63 -16.82
N ARG D 189 -2.03 -20.63 -15.59
CA ARG D 189 -2.89 -19.54 -15.03
C ARG D 189 -2.31 -18.97 -13.72
N ALA D 190 -1.01 -19.11 -13.44
CA ALA D 190 -0.42 -18.67 -12.15
C ALA D 190 -0.37 -17.13 -12.12
N LYS D 191 0.01 -16.52 -13.25
CA LYS D 191 -0.15 -15.08 -13.58
C LYS D 191 -1.61 -14.69 -13.32
N ALA D 192 -2.55 -15.17 -14.17
CA ALA D 192 -3.98 -14.75 -14.23
C ALA D 192 -4.72 -14.93 -12.90
N ASP D 193 -4.31 -15.86 -12.03
CA ASP D 193 -5.02 -16.15 -10.75
C ASP D 193 -4.41 -15.26 -9.67
N PRO D 194 -5.21 -14.39 -9.01
CA PRO D 194 -4.72 -13.53 -7.92
C PRO D 194 -4.86 -13.96 -6.45
N VAL D 195 -5.39 -15.17 -6.18
CA VAL D 195 -5.69 -15.67 -4.80
C VAL D 195 -5.12 -17.09 -4.59
N VAL D 196 -5.38 -18.02 -5.49
CA VAL D 196 -5.01 -19.46 -5.31
C VAL D 196 -3.73 -19.70 -6.12
N GLN D 197 -2.69 -20.20 -5.45
CA GLN D 197 -1.34 -20.55 -6.02
C GLN D 197 -0.91 -21.91 -5.44
N LYS D 198 -0.14 -22.71 -6.19
CA LYS D 198 0.20 -24.11 -5.81
C LYS D 198 0.66 -24.19 -4.35
N GLU D 199 1.78 -23.52 -4.04
CA GLU D 199 2.47 -23.62 -2.73
C GLU D 199 1.44 -23.45 -1.61
N MET D 200 0.72 -22.33 -1.55
CA MET D 200 -0.18 -22.00 -0.41
C MET D 200 -1.28 -23.07 -0.28
N LEU D 201 -1.76 -23.61 -1.42
CA LEU D 201 -2.89 -24.57 -1.47
C LEU D 201 -2.44 -25.98 -1.07
N VAL D 202 -1.31 -26.47 -1.61
CA VAL D 202 -0.70 -27.77 -1.21
C VAL D 202 -0.50 -27.73 0.31
N ASN D 203 0.09 -26.64 0.83
CA ASN D 203 0.43 -26.52 2.27
C ASN D 203 -0.87 -26.55 3.07
N MET D 204 -1.99 -26.06 2.50
CA MET D 204 -3.33 -25.99 3.16
C MET D 204 -4.00 -27.37 3.12
N GLY D 205 -3.76 -28.11 2.04
CA GLY D 205 -4.15 -29.54 1.91
C GLY D 205 -3.45 -30.40 2.95
N LYS D 206 -2.14 -30.19 3.16
CA LYS D 206 -1.38 -30.85 4.26
C LYS D 206 -2.14 -30.62 5.57
N THR D 207 -2.62 -29.40 5.82
CA THR D 207 -3.38 -29.06 7.07
C THR D 207 -4.66 -29.91 7.19
N TYR D 208 -5.43 -30.08 6.12
CA TYR D 208 -6.71 -30.86 6.09
C TYR D 208 -6.44 -32.35 6.32
N LEU D 209 -5.42 -32.89 5.64
CA LEU D 209 -5.08 -34.35 5.61
C LEU D 209 -4.61 -34.83 6.99
N GLY D 210 -3.83 -34.01 7.70
CA GLY D 210 -3.24 -34.38 8.99
C GLY D 210 -2.34 -35.60 8.83
N GLY D 211 -1.47 -35.60 7.81
CA GLY D 211 -0.51 -36.68 7.53
C GLY D 211 -1.11 -37.88 6.81
N LYS D 212 -2.44 -37.95 6.65
CA LYS D 212 -3.15 -39.00 5.85
C LYS D 212 -2.87 -38.79 4.35
N ASP D 213 -3.14 -39.84 3.57
CA ASP D 213 -2.73 -40.03 2.15
C ASP D 213 -3.42 -38.99 1.25
N ALA D 214 -2.62 -38.26 0.46
CA ALA D 214 -3.03 -37.15 -0.42
C ALA D 214 -3.92 -37.61 -1.58
N LYS D 215 -3.79 -38.87 -1.99
CA LYS D 215 -4.60 -39.45 -3.10
C LYS D 215 -5.87 -40.07 -2.51
N SER D 216 -6.10 -39.86 -1.22
CA SER D 216 -7.26 -40.38 -0.48
C SER D 216 -8.54 -39.85 -1.15
N PRO D 217 -9.34 -40.71 -1.84
CA PRO D 217 -10.50 -40.26 -2.61
C PRO D 217 -11.48 -39.27 -1.96
N LEU D 218 -11.83 -39.44 -0.69
CA LEU D 218 -12.82 -38.56 0.01
C LEU D 218 -12.22 -37.18 0.35
N ALA D 219 -10.89 -37.06 0.34
CA ALA D 219 -10.15 -35.79 0.55
C ALA D 219 -9.83 -35.16 -0.80
N ALA D 220 -9.55 -36.00 -1.81
CA ALA D 220 -9.15 -35.59 -3.18
C ALA D 220 -10.02 -36.33 -4.21
N PRO D 221 -11.31 -35.97 -4.37
CA PRO D 221 -12.22 -36.68 -5.28
C PRO D 221 -11.82 -36.73 -6.78
N LEU D 222 -10.72 -36.09 -7.18
CA LEU D 222 -10.13 -36.32 -8.52
C LEU D 222 -9.85 -37.82 -8.70
N HIS D 223 -9.55 -38.52 -7.60
CA HIS D 223 -9.09 -39.92 -7.50
C HIS D 223 -10.22 -40.79 -6.98
N ALA D 224 -11.47 -40.30 -7.01
CA ALA D 224 -12.64 -41.01 -6.47
C ALA D 224 -13.25 -41.87 -7.55
N ASP D 225 -14.09 -42.81 -7.15
CA ASP D 225 -14.95 -43.56 -8.09
C ASP D 225 -16.22 -42.73 -8.27
N PHE D 226 -16.50 -42.25 -9.49
CA PHE D 226 -17.68 -41.42 -9.84
C PHE D 226 -18.87 -42.27 -10.34
N ARG D 227 -18.73 -43.59 -10.48
CA ARG D 227 -19.84 -44.38 -11.05
C ARG D 227 -21.13 -44.25 -10.21
N GLY D 228 -22.23 -43.85 -10.83
CA GLY D 228 -23.55 -43.84 -10.20
C GLY D 228 -23.95 -42.47 -9.61
N LEU D 229 -23.04 -41.48 -9.64
CA LEU D 229 -23.34 -40.14 -9.05
C LEU D 229 -24.44 -39.47 -9.85
N PRO D 230 -25.23 -38.56 -9.25
CA PRO D 230 -26.27 -37.85 -9.99
C PRO D 230 -25.61 -36.80 -10.87
N PRO D 231 -26.40 -36.13 -11.73
CA PRO D 231 -25.87 -35.07 -12.59
C PRO D 231 -25.02 -34.06 -11.81
N LEU D 232 -23.94 -33.61 -12.45
CA LEU D 232 -23.03 -32.54 -11.94
C LEU D 232 -23.12 -31.30 -12.84
N PHE D 233 -23.25 -30.13 -12.22
CA PHE D 233 -22.97 -28.78 -12.79
C PHE D 233 -21.68 -28.23 -12.17
N ILE D 234 -20.65 -28.04 -12.98
CA ILE D 234 -19.35 -27.46 -12.55
C ILE D 234 -19.19 -26.08 -13.24
N GLN D 235 -18.99 -25.02 -12.46
CA GLN D 235 -18.66 -23.65 -12.96
C GLN D 235 -17.25 -23.33 -12.48
N VAL D 236 -16.41 -22.84 -13.38
CA VAL D 236 -14.99 -22.55 -13.05
C VAL D 236 -14.58 -21.36 -13.89
N GLY D 237 -13.65 -20.56 -13.40
CA GLY D 237 -13.17 -19.38 -14.13
C GLY D 237 -11.95 -19.77 -14.92
N ASP D 238 -11.74 -19.16 -16.07
CA ASP D 238 -10.51 -19.39 -16.87
C ASP D 238 -9.30 -18.84 -16.10
N ALA D 239 -9.46 -17.81 -15.25
CA ALA D 239 -8.32 -17.15 -14.55
C ALA D 239 -8.08 -17.82 -13.20
N GLU D 240 -7.99 -19.14 -13.19
CA GLU D 240 -7.89 -19.99 -11.97
C GLU D 240 -6.79 -21.04 -12.15
N THR D 241 -5.90 -21.20 -11.17
CA THR D 241 -4.97 -22.36 -11.10
C THR D 241 -5.77 -23.65 -10.90
N LEU D 242 -6.93 -23.57 -10.24
CA LEU D 242 -7.87 -24.71 -10.00
C LEU D 242 -8.67 -25.08 -11.27
N LEU D 243 -8.42 -24.46 -12.41
CA LEU D 243 -9.20 -24.70 -13.66
C LEU D 243 -9.24 -26.21 -13.93
N ASP D 244 -8.07 -26.87 -13.92
CA ASP D 244 -7.94 -28.27 -14.42
C ASP D 244 -8.45 -29.27 -13.36
N ASP D 245 -8.64 -28.86 -12.10
CA ASP D 245 -9.47 -29.66 -11.14
C ASP D 245 -10.88 -29.85 -11.73
N SER D 246 -11.49 -28.79 -12.27
CA SER D 246 -12.84 -28.83 -12.88
C SER D 246 -12.78 -29.67 -14.16
N THR D 247 -11.80 -29.41 -15.03
CA THR D 247 -11.72 -30.06 -16.37
C THR D 247 -11.51 -31.57 -16.20
N ARG D 248 -10.67 -32.00 -15.24
CA ARG D 248 -10.29 -33.43 -15.04
C ARG D 248 -11.46 -34.17 -14.39
N VAL D 249 -12.02 -33.58 -13.34
CA VAL D 249 -13.28 -34.06 -12.70
C VAL D 249 -14.37 -34.21 -13.77
N ALA D 250 -14.54 -33.24 -14.66
CA ALA D 250 -15.62 -33.22 -15.68
C ALA D 250 -15.43 -34.38 -16.68
N GLU D 251 -14.21 -34.56 -17.19
CA GLU D 251 -13.78 -35.64 -18.12
C GLU D 251 -13.95 -37.01 -17.45
N LYS D 252 -13.36 -37.17 -16.25
CA LYS D 252 -13.39 -38.43 -15.47
C LYS D 252 -14.85 -38.78 -15.10
N ALA D 253 -15.72 -37.82 -14.80
CA ALA D 253 -17.12 -38.15 -14.43
C ALA D 253 -17.86 -38.67 -15.66
N LYS D 254 -17.76 -37.91 -16.77
CA LYS D 254 -18.35 -38.22 -18.09
C LYS D 254 -17.96 -39.65 -18.48
N MET D 255 -16.67 -39.96 -18.39
CA MET D 255 -16.15 -41.31 -18.72
C MET D 255 -16.82 -42.34 -17.81
N ALA D 256 -17.19 -42.02 -16.57
CA ALA D 256 -17.80 -42.98 -15.60
C ALA D 256 -19.33 -42.99 -15.75
N GLY D 257 -19.88 -42.32 -16.77
CA GLY D 257 -21.30 -42.44 -17.16
C GLY D 257 -22.16 -41.38 -16.52
N VAL D 258 -21.54 -40.43 -15.81
CA VAL D 258 -22.24 -39.37 -15.04
C VAL D 258 -22.59 -38.24 -16.01
N LYS D 259 -23.81 -37.72 -15.91
CA LYS D 259 -24.29 -36.57 -16.73
C LYS D 259 -23.62 -35.28 -16.20
N VAL D 260 -22.88 -34.56 -17.05
CA VAL D 260 -21.99 -33.44 -16.59
C VAL D 260 -22.19 -32.21 -17.46
N ASP D 261 -22.45 -31.03 -16.86
CA ASP D 261 -22.42 -29.69 -17.53
C ASP D 261 -21.27 -28.89 -16.94
N LEU D 262 -20.20 -28.69 -17.72
CA LEU D 262 -19.03 -27.85 -17.38
C LEU D 262 -19.19 -26.51 -18.10
N GLU D 263 -19.18 -25.40 -17.36
CA GLU D 263 -19.04 -24.01 -17.90
C GLU D 263 -17.72 -23.41 -17.43
N ILE D 264 -16.86 -23.00 -18.39
CA ILE D 264 -15.61 -22.25 -18.13
C ILE D 264 -15.93 -20.80 -18.46
N TRP D 265 -15.92 -19.93 -17.44
CA TRP D 265 -16.26 -18.49 -17.52
C TRP D 265 -14.97 -17.72 -17.85
N PRO D 266 -14.85 -17.13 -19.06
CA PRO D 266 -13.65 -16.39 -19.44
C PRO D 266 -13.38 -15.19 -18.52
N GLU D 267 -12.10 -15.03 -18.19
CA GLU D 267 -11.53 -13.89 -17.41
C GLU D 267 -11.88 -14.00 -15.91
N MET D 268 -12.86 -14.82 -15.51
CA MET D 268 -13.39 -14.83 -14.11
C MET D 268 -12.38 -15.49 -13.18
N PRO D 269 -12.17 -14.97 -11.95
CA PRO D 269 -11.33 -15.64 -10.96
C PRO D 269 -12.11 -16.53 -9.97
N HIS D 270 -11.36 -17.10 -9.04
CA HIS D 270 -11.81 -18.11 -8.05
C HIS D 270 -13.13 -17.67 -7.40
N VAL D 271 -14.15 -18.50 -7.48
CA VAL D 271 -15.47 -18.24 -6.82
C VAL D 271 -15.78 -16.75 -6.99
N TRP D 272 -15.94 -16.28 -8.23
CA TRP D 272 -16.27 -14.88 -8.59
C TRP D 272 -17.69 -14.57 -8.13
N HIS D 273 -18.51 -15.61 -7.98
CA HIS D 273 -19.87 -15.60 -7.35
C HIS D 273 -19.89 -14.70 -6.11
N LEU D 274 -18.79 -14.67 -5.33
CA LEU D 274 -18.68 -13.89 -4.06
C LEU D 274 -18.82 -12.40 -4.36
N PHE D 275 -18.45 -11.94 -5.55
CA PHE D 275 -18.50 -10.50 -5.94
C PHE D 275 -19.82 -10.18 -6.66
N ALA D 276 -20.86 -10.99 -6.50
CA ALA D 276 -22.17 -10.85 -7.19
C ALA D 276 -22.83 -9.51 -6.90
N PRO D 277 -22.73 -8.95 -5.67
CA PRO D 277 -23.36 -7.67 -5.36
C PRO D 277 -23.00 -6.56 -6.36
N PHE D 278 -21.72 -6.45 -6.79
CA PHE D 278 -21.25 -5.47 -7.82
C PHE D 278 -20.74 -6.12 -9.12
N LEU D 279 -20.41 -7.42 -9.16
CA LEU D 279 -19.86 -8.10 -10.38
C LEU D 279 -20.96 -8.83 -11.14
N PRO D 280 -21.38 -8.31 -12.31
CA PRO D 280 -22.54 -8.87 -12.99
C PRO D 280 -22.36 -10.36 -13.34
N GLU D 281 -21.15 -10.77 -13.72
CA GLU D 281 -20.86 -12.19 -14.07
C GLU D 281 -21.00 -13.07 -12.82
N GLY D 282 -20.85 -12.50 -11.63
CA GLY D 282 -21.17 -13.19 -10.36
C GLY D 282 -22.67 -13.50 -10.26
N GLN D 283 -23.52 -12.51 -10.49
CA GLN D 283 -24.99 -12.71 -10.38
C GLN D 283 -25.45 -13.62 -11.54
N GLN D 284 -24.92 -13.39 -12.74
CA GLN D 284 -25.20 -14.21 -13.95
C GLN D 284 -24.90 -15.68 -13.60
N ALA D 285 -23.68 -15.97 -13.11
CA ALA D 285 -23.23 -17.35 -12.76
C ALA D 285 -24.19 -17.94 -11.72
N ILE D 286 -24.54 -17.16 -10.70
CA ILE D 286 -25.50 -17.58 -9.63
C ILE D 286 -26.87 -17.88 -10.24
N ASP D 287 -27.37 -17.06 -11.17
CA ASP D 287 -28.69 -17.29 -11.83
C ASP D 287 -28.69 -18.58 -12.67
N LYS D 288 -27.57 -18.92 -13.33
CA LYS D 288 -27.44 -20.19 -14.11
C LYS D 288 -27.56 -21.37 -13.16
N ILE D 289 -26.93 -21.31 -11.98
CA ILE D 289 -27.06 -22.33 -10.91
C ILE D 289 -28.52 -22.40 -10.49
N GLY D 290 -29.16 -21.26 -10.30
CA GLY D 290 -30.61 -21.17 -10.03
C GLY D 290 -31.44 -22.01 -10.99
N GLN D 291 -31.24 -21.82 -12.30
CA GLN D 291 -32.02 -22.49 -13.35
C GLN D 291 -31.75 -24.02 -13.31
N TYR D 292 -30.49 -24.41 -13.22
CA TYR D 292 -30.06 -25.83 -13.15
C TYR D 292 -30.70 -26.53 -11.93
N VAL D 293 -30.64 -25.90 -10.75
CA VAL D 293 -31.32 -26.46 -9.53
C VAL D 293 -32.81 -26.57 -9.84
N LYS D 294 -33.39 -25.57 -10.49
CA LYS D 294 -34.87 -25.51 -10.66
C LYS D 294 -35.26 -26.69 -11.55
N GLN D 295 -34.50 -26.98 -12.59
CA GLN D 295 -34.89 -28.07 -13.53
C GLN D 295 -34.51 -29.46 -12.96
N ARG D 296 -33.41 -29.64 -12.24
CA ARG D 296 -33.02 -31.00 -11.72
C ARG D 296 -33.99 -31.47 -10.62
N THR D 297 -34.75 -30.55 -10.03
CA THR D 297 -35.69 -30.80 -8.90
C THR D 297 -37.17 -30.69 -9.34
N ALA D 298 -37.47 -30.39 -10.60
CA ALA D 298 -38.85 -30.02 -11.04
C ALA D 298 -39.80 -31.22 -10.89
#